data_5O9V
#
_entry.id   5O9V
#
_cell.length_a   58.130
_cell.length_b   79.010
_cell.length_c   178.255
_cell.angle_alpha   90.00
_cell.angle_beta   90.00
_cell.angle_gamma   90.00
#
_symmetry.space_group_name_H-M   'P 2 21 21'
#
loop_
_entity.id
_entity.type
_entity.pdbx_description
1 polymer 'Glycylpeptide N-tetradecanoyltransferase 1'
2 polymer 'Apoptosis-inducing factor 3'
3 non-polymer 'COENZYME A'
4 non-polymer GLYCEROL
5 non-polymer 'CHLORIDE ION'
6 non-polymer 'MYRISTIC ACID'
7 water water
#
loop_
_entity_poly.entity_id
_entity_poly.type
_entity_poly.pdbx_seq_one_letter_code
_entity_poly.pdbx_strand_id
1 'polypeptide(L)'
;GGSEFSVGQGPAKTMEEASKRSYQFWDTQPVPKLGEVVNTHGPVEPDKDNIRQEPYTLPQGFTWDALDLGDRGVLKELYT
LLNENYVEDDDNMFRFDYSPEFLLWALRPPGWLPQWHCGVRVVSSRKLVGFISAIPANIHIYDTEKKMVEINFLCVHKKL
RSKRVAPVLIREITRRVHLEGIFQAVYTAGVVLPKPVGTCRYWHRSLNPRKLIEVKFSHLSRNMTMQRTMKLYRLPETPK
TAGLRPMETKDIPVVHQLLTRYLKQFHLTPVMSQEEVEHWFYPQENIIDTFVVENANGEVTDFLSFYTLPSTIMNHPTHK
SLKAAYSFYNVHTQTPLLDLMSDALVLAKMKGFDVFNALDLMENKTFLEKLKFGIGDGNLQYYLYNWKCPSMGAEKVGLV
LQ
;
A,B
2 'polypeptide(L)' GGCFSKPK C,D
#
# COMPACT_ATOMS: atom_id res chain seq x y z
N GLY A 10 3.50 -25.40 25.98
CA GLY A 10 4.40 -26.12 25.09
C GLY A 10 3.83 -26.34 23.71
N PRO A 11 4.68 -26.29 22.69
CA PRO A 11 4.18 -26.36 21.31
C PRO A 11 4.20 -27.76 20.72
N ALA A 12 3.19 -28.03 19.91
CA ALA A 12 3.03 -29.33 19.26
C ALA A 12 3.64 -29.29 17.86
N LYS A 13 4.26 -30.41 17.46
CA LYS A 13 4.85 -30.53 16.13
C LYS A 13 4.00 -31.33 15.16
N THR A 14 2.90 -31.94 15.60
CA THR A 14 2.07 -32.81 14.79
C THR A 14 0.60 -32.43 14.94
N MET A 15 -0.16 -32.60 13.85
CA MET A 15 -1.60 -32.32 13.90
C MET A 15 -2.29 -33.22 14.92
N GLU A 16 -1.80 -34.44 15.12
CA GLU A 16 -2.40 -35.33 16.10
C GLU A 16 -2.02 -34.95 17.52
N GLU A 17 -0.74 -34.60 17.75
CA GLU A 17 -0.35 -34.13 19.08
C GLU A 17 -0.89 -32.74 19.37
N ALA A 18 -1.15 -31.94 18.34
CA ALA A 18 -1.72 -30.61 18.55
C ALA A 18 -3.21 -30.69 18.90
N SER A 19 -3.92 -31.64 18.31
CA SER A 19 -5.35 -31.76 18.57
C SER A 19 -5.64 -32.16 20.01
N LYS A 20 -4.63 -32.63 20.74
CA LYS A 20 -4.82 -32.85 22.18
C LYS A 20 -4.84 -31.52 22.94
N ARG A 21 -4.19 -30.52 22.39
CA ARG A 21 -3.82 -29.31 23.10
C ARG A 21 -4.98 -28.31 23.12
N SER A 22 -4.96 -27.42 24.11
CA SER A 22 -5.95 -26.35 24.26
C SER A 22 -5.23 -25.02 24.06
N TYR A 23 -5.70 -24.23 23.10
CA TYR A 23 -5.00 -23.01 22.66
C TYR A 23 -5.67 -21.80 23.32
N GLN A 24 -5.14 -21.42 24.47
CA GLN A 24 -5.73 -20.33 25.25
C GLN A 24 -5.78 -19.04 24.44
N PHE A 25 -4.67 -18.67 23.80
CA PHE A 25 -4.64 -17.45 23.01
C PHE A 25 -5.34 -17.63 21.67
N TRP A 26 -5.04 -18.70 20.96
CA TRP A 26 -5.51 -18.84 19.59
C TRP A 26 -7.01 -19.12 19.51
N ASP A 27 -7.63 -19.64 20.57
CA ASP A 27 -9.08 -19.75 20.59
C ASP A 27 -9.74 -18.39 20.49
N THR A 28 -9.07 -17.35 20.99
CA THR A 28 -9.63 -16.00 20.96
C THR A 28 -9.46 -15.32 19.62
N GLN A 29 -8.66 -15.88 18.73
CA GLN A 29 -8.30 -15.25 17.47
C GLN A 29 -9.23 -15.68 16.35
N PRO A 30 -9.38 -14.83 15.27
CA PRO A 30 -10.22 -15.21 14.12
C PRO A 30 -9.50 -16.14 13.15
N VAL A 31 -9.23 -17.36 13.62
CA VAL A 31 -8.66 -18.42 12.79
C VAL A 31 -9.51 -19.67 13.01
N PRO A 32 -9.60 -20.57 12.04
CA PRO A 32 -10.42 -21.77 12.22
C PRO A 32 -9.86 -22.68 13.30
N LYS A 33 -10.74 -23.47 13.90
CA LYS A 33 -10.33 -24.44 14.89
C LYS A 33 -9.55 -25.58 14.21
N LEU A 34 -8.60 -26.13 14.95
CA LEU A 34 -7.77 -27.23 14.41
C LEU A 34 -8.62 -28.39 13.91
N GLY A 35 -9.65 -28.78 14.68
CA GLY A 35 -10.42 -29.95 14.30
C GLY A 35 -11.39 -29.71 13.16
N GLU A 36 -11.96 -28.50 13.06
CA GLU A 36 -13.04 -28.27 12.11
C GLU A 36 -12.56 -28.36 10.67
N VAL A 37 -13.47 -28.73 9.77
CA VAL A 37 -13.19 -28.84 8.34
C VAL A 37 -13.84 -27.65 7.64
N VAL A 38 -13.13 -27.08 6.68
CA VAL A 38 -13.45 -25.80 6.08
C VAL A 38 -13.91 -26.04 4.65
N ASN A 39 -15.18 -25.76 4.37
CA ASN A 39 -15.72 -25.83 3.01
C ASN A 39 -16.19 -24.47 2.52
N THR A 40 -15.63 -23.39 3.06
CA THR A 40 -16.00 -22.03 2.71
C THR A 40 -14.77 -21.27 2.21
N HIS A 41 -15.02 -20.05 1.71
CA HIS A 41 -13.95 -19.15 1.26
C HIS A 41 -14.32 -17.75 1.70
N GLY A 42 -13.65 -17.24 2.75
CA GLY A 42 -13.88 -15.88 3.17
C GLY A 42 -13.34 -15.53 4.54
N PRO A 43 -13.55 -14.28 4.94
CA PRO A 43 -13.05 -13.83 6.24
C PRO A 43 -13.74 -14.56 7.38
N VAL A 44 -12.99 -14.76 8.47
CA VAL A 44 -13.56 -15.35 9.66
C VAL A 44 -14.51 -14.36 10.35
N GLU A 45 -14.19 -13.07 10.29
CA GLU A 45 -15.00 -12.04 10.90
C GLU A 45 -14.94 -10.80 10.01
N PRO A 46 -15.97 -9.94 10.06
CA PRO A 46 -15.94 -8.72 9.24
C PRO A 46 -14.81 -7.77 9.64
N ASP A 47 -14.45 -6.92 8.69
CA ASP A 47 -13.51 -5.85 8.98
C ASP A 47 -14.05 -4.94 10.07
N LYS A 48 -13.15 -4.45 10.92
CA LYS A 48 -13.53 -3.53 11.99
C LYS A 48 -13.48 -2.10 11.46
N ASP A 49 -14.52 -1.33 11.79
CA ASP A 49 -14.57 0.08 11.39
C ASP A 49 -14.20 1.03 12.52
N ASN A 50 -13.86 0.51 13.70
CA ASN A 50 -13.14 1.29 14.69
C ASN A 50 -12.08 0.40 15.32
N ILE A 51 -10.87 0.93 15.44
CA ILE A 51 -9.72 0.17 15.92
C ILE A 51 -9.18 0.83 17.18
N ARG A 52 -8.83 0.01 18.16
CA ARG A 52 -8.23 0.46 19.41
C ARG A 52 -7.04 1.35 19.16
N GLN A 53 -7.08 2.57 19.72
CA GLN A 53 -6.01 3.53 19.50
C GLN A 53 -4.83 3.33 20.45
N GLU A 54 -5.02 2.64 21.53
CA GLU A 54 -3.91 2.57 22.46
C GLU A 54 -3.14 1.27 22.31
N PRO A 55 -1.81 1.32 22.43
CA PRO A 55 -1.03 0.10 22.44
C PRO A 55 -1.42 -0.81 23.60
N TYR A 56 -1.30 -2.11 23.38
CA TYR A 56 -1.64 -3.06 24.42
C TYR A 56 -0.66 -2.98 25.57
N THR A 57 -1.16 -3.28 26.77
CA THR A 57 -0.36 -3.17 27.98
C THR A 57 0.73 -4.22 28.01
N LEU A 58 1.97 -3.79 28.16
CA LEU A 58 3.07 -4.70 28.40
C LEU A 58 3.22 -4.95 29.90
N PRO A 59 3.88 -6.03 30.30
CA PRO A 59 4.19 -6.21 31.72
C PRO A 59 5.02 -5.06 32.24
N GLN A 60 4.97 -4.87 33.56
CA GLN A 60 5.67 -3.77 34.20
C GLN A 60 7.17 -3.84 33.89
N GLY A 61 7.72 -2.71 33.45
CA GLY A 61 9.13 -2.60 33.17
C GLY A 61 9.51 -2.69 31.70
N PHE A 62 8.54 -2.80 30.80
CA PHE A 62 8.81 -2.93 29.38
C PHE A 62 7.99 -1.91 28.60
N THR A 63 8.54 -1.45 27.48
CA THR A 63 7.90 -0.44 26.66
C THR A 63 7.97 -0.86 25.19
N TRP A 64 6.98 -0.38 24.43
CA TRP A 64 7.02 -0.54 22.98
C TRP A 64 8.05 0.40 22.38
N ASP A 65 8.64 0.00 21.26
CA ASP A 65 9.54 0.87 20.52
C ASP A 65 9.61 0.40 19.08
N ALA A 66 9.15 1.23 18.15
CA ALA A 66 9.23 0.93 16.74
C ALA A 66 10.67 1.14 16.26
N LEU A 67 11.26 0.09 15.68
CA LEU A 67 12.67 0.08 15.37
C LEU A 67 12.92 0.72 14.01
N ASP A 68 13.69 1.81 14.00
CA ASP A 68 14.15 2.44 12.77
C ASP A 68 15.37 1.68 12.30
N LEU A 69 15.15 0.76 11.35
CA LEU A 69 16.25 -0.06 10.83
C LEU A 69 17.21 0.73 9.95
N GLY A 70 16.88 1.99 9.63
CA GLY A 70 17.83 2.87 8.97
C GLY A 70 18.94 3.36 9.89
N ASP A 71 18.70 3.36 11.20
CA ASP A 71 19.75 3.63 12.18
C ASP A 71 20.60 2.39 12.33
N ARG A 72 21.90 2.52 12.01
CA ARG A 72 22.78 1.35 12.03
C ARG A 72 22.83 0.70 13.40
N GLY A 73 22.77 1.50 14.46
CA GLY A 73 22.81 0.95 15.80
C GLY A 73 21.56 0.15 16.15
N VAL A 74 20.38 0.67 15.77
CA VAL A 74 19.14 -0.04 16.05
C VAL A 74 19.08 -1.34 15.26
N LEU A 75 19.51 -1.31 13.99
CA LEU A 75 19.58 -2.53 13.21
C LEU A 75 20.51 -3.55 13.87
N LYS A 76 21.63 -3.08 14.42
CA LYS A 76 22.56 -3.99 15.10
C LYS A 76 21.91 -4.60 16.33
N GLU A 77 21.08 -3.82 17.04
CA GLU A 77 20.37 -4.36 18.20
C GLU A 77 19.43 -5.48 17.79
N LEU A 78 18.71 -5.30 16.67
CA LEU A 78 17.80 -6.35 16.20
C LEU A 78 18.58 -7.59 15.77
N TYR A 79 19.70 -7.39 15.06
CA TYR A 79 20.56 -8.53 14.71
C TYR A 79 20.92 -9.33 15.95
N THR A 80 21.36 -8.64 17.00
CA THR A 80 21.82 -9.33 18.20
C THR A 80 20.68 -10.08 18.89
N LEU A 81 19.50 -9.45 18.98
CA LEU A 81 18.35 -10.12 19.58
C LEU A 81 18.02 -11.41 18.83
N LEU A 82 17.99 -11.35 17.50
CA LEU A 82 17.69 -12.54 16.72
C LEU A 82 18.86 -13.52 16.73
N ASN A 83 20.08 -13.02 16.63
CA ASN A 83 21.25 -13.89 16.67
C ASN A 83 21.31 -14.70 17.96
N GLU A 84 20.79 -14.15 19.06
CA GLU A 84 20.88 -14.80 20.35
C GLU A 84 19.59 -15.46 20.82
N ASN A 85 18.44 -15.11 20.22
CA ASN A 85 17.17 -15.59 20.77
C ASN A 85 16.16 -16.06 19.72
N TYR A 86 16.54 -16.20 18.45
CA TYR A 86 15.57 -16.55 17.42
C TYR A 86 15.51 -18.07 17.28
N VAL A 87 15.10 -18.54 16.09
CA VAL A 87 14.70 -19.94 15.92
C VAL A 87 15.91 -20.86 16.04
N GLU A 88 15.74 -21.94 16.78
CA GLU A 88 16.74 -23.00 16.90
C GLU A 88 16.17 -24.30 16.38
N ASP A 89 17.06 -25.25 16.12
CA ASP A 89 16.65 -26.59 15.70
C ASP A 89 16.05 -27.34 16.88
N ASP A 90 15.65 -28.59 16.61
CA ASP A 90 15.01 -29.40 17.64
C ASP A 90 15.93 -29.62 18.84
N ASP A 91 17.22 -29.78 18.60
CA ASP A 91 18.16 -30.21 19.62
C ASP A 91 19.01 -29.07 20.19
N ASN A 92 18.66 -27.82 19.88
CA ASN A 92 19.39 -26.64 20.38
C ASN A 92 20.86 -26.69 19.98
N MET A 93 21.10 -27.07 18.72
CA MET A 93 22.45 -27.11 18.17
C MET A 93 22.72 -25.99 17.18
N PHE A 94 21.69 -25.48 16.53
CA PHE A 94 21.85 -24.45 15.51
C PHE A 94 20.79 -23.37 15.71
N ARG A 95 21.16 -22.13 15.40
CA ARG A 95 20.24 -21.00 15.48
C ARG A 95 20.40 -20.13 14.24
N PHE A 96 19.28 -19.62 13.73
CA PHE A 96 19.32 -18.70 12.59
C PHE A 96 20.21 -17.51 12.90
N ASP A 97 21.01 -17.12 11.92
CA ASP A 97 21.92 -15.98 12.05
C ASP A 97 21.67 -15.03 10.88
N TYR A 98 20.48 -14.42 10.86
CA TYR A 98 20.15 -13.42 9.85
C TYR A 98 21.12 -12.25 9.94
N SER A 99 21.72 -11.91 8.82
CA SER A 99 22.66 -10.79 8.79
C SER A 99 21.90 -9.46 8.88
N PRO A 100 22.57 -8.39 9.33
CA PRO A 100 21.91 -7.08 9.32
C PRO A 100 21.43 -6.67 7.94
N GLU A 101 22.24 -6.93 6.90
CA GLU A 101 21.87 -6.57 5.54
C GLU A 101 20.67 -7.37 5.06
N PHE A 102 20.62 -8.66 5.40
CA PHE A 102 19.45 -9.49 5.09
C PHE A 102 18.21 -8.93 5.76
N LEU A 103 18.32 -8.53 7.02
CA LEU A 103 17.16 -8.01 7.74
C LEU A 103 16.61 -6.76 7.08
N LEU A 104 17.48 -5.91 6.55
CA LEU A 104 17.04 -4.75 5.78
C LEU A 104 16.26 -5.18 4.54
N TRP A 105 16.80 -6.18 3.83
CA TRP A 105 16.13 -6.70 2.64
C TRP A 105 14.74 -7.24 2.98
N ALA A 106 14.64 -7.99 4.08
CA ALA A 106 13.38 -8.64 4.40
C ALA A 106 12.37 -7.68 5.00
N LEU A 107 12.83 -6.65 5.71
CA LEU A 107 11.96 -5.79 6.48
C LEU A 107 11.75 -4.41 5.87
N ARG A 108 12.48 -4.06 4.82
CA ARG A 108 12.14 -2.83 4.10
C ARG A 108 11.82 -3.09 2.63
N PRO A 109 10.86 -3.96 2.30
CA PRO A 109 10.43 -4.06 0.90
C PRO A 109 9.54 -2.87 0.56
N PRO A 110 9.11 -2.74 -0.70
CA PRO A 110 8.19 -1.64 -1.03
C PRO A 110 6.95 -1.64 -0.15
N GLY A 111 6.62 -0.47 0.37
CA GLY A 111 5.46 -0.31 1.23
C GLY A 111 5.70 -0.56 2.70
N TRP A 112 6.95 -0.79 3.10
CA TRP A 112 7.23 -1.07 4.51
C TRP A 112 6.89 0.14 5.37
N LEU A 113 6.54 -0.13 6.63
CA LEU A 113 6.16 0.91 7.57
C LEU A 113 6.99 0.79 8.84
N PRO A 114 7.49 1.91 9.37
CA PRO A 114 8.31 1.84 10.60
C PRO A 114 7.56 1.27 11.79
N GLN A 115 6.27 1.62 11.95
CA GLN A 115 5.51 1.11 13.07
C GLN A 115 5.24 -0.40 12.99
N TRP A 116 5.49 -1.02 11.84
CA TRP A 116 5.37 -2.46 11.70
C TRP A 116 6.66 -3.20 12.06
N HIS A 117 7.70 -2.47 12.47
CA HIS A 117 8.90 -3.07 13.06
C HIS A 117 8.75 -2.93 14.57
N CYS A 118 7.94 -3.82 15.15
CA CYS A 118 7.42 -3.64 16.51
C CYS A 118 8.34 -4.34 17.51
N GLY A 119 9.09 -3.55 18.26
CA GLY A 119 10.00 -4.10 19.25
C GLY A 119 9.58 -3.81 20.68
N VAL A 120 10.13 -4.57 21.62
CA VAL A 120 9.89 -4.37 23.05
C VAL A 120 11.24 -4.14 23.72
N ARG A 121 11.32 -3.11 24.56
CA ARG A 121 12.54 -2.76 25.26
C ARG A 121 12.32 -2.75 26.77
N VAL A 122 13.39 -3.11 27.49
CA VAL A 122 13.40 -2.92 28.94
C VAL A 122 13.47 -1.43 29.23
N VAL A 123 12.59 -0.97 30.12
CA VAL A 123 12.47 0.47 30.37
C VAL A 123 13.79 1.04 30.89
N SER A 124 14.39 0.37 31.87
CA SER A 124 15.59 0.91 32.49
C SER A 124 16.81 0.79 31.58
N SER A 125 17.12 -0.43 31.14
CA SER A 125 18.37 -0.68 30.43
C SER A 125 18.30 -0.32 28.95
N ARG A 126 17.10 -0.25 28.37
CA ARG A 126 16.82 -0.06 26.94
C ARG A 126 17.12 -1.31 26.14
N LYS A 127 17.40 -2.44 26.79
CA LYS A 127 17.75 -3.66 26.08
C LYS A 127 16.57 -4.16 25.26
N LEU A 128 16.85 -4.47 23.99
CA LEU A 128 15.81 -5.02 23.11
C LEU A 128 15.55 -6.47 23.49
N VAL A 129 14.32 -6.76 23.88
CA VAL A 129 13.96 -8.08 24.39
C VAL A 129 12.83 -8.73 23.62
N GLY A 130 12.20 -8.04 22.67
CA GLY A 130 11.13 -8.63 21.90
C GLY A 130 11.00 -7.94 20.56
N PHE A 131 10.43 -8.68 19.60
CA PHE A 131 10.26 -8.12 18.27
C PHE A 131 9.21 -8.92 17.51
N ILE A 132 8.50 -8.23 16.62
CA ILE A 132 7.63 -8.85 15.64
C ILE A 132 7.48 -7.85 14.50
N SER A 133 7.26 -8.36 13.30
CA SER A 133 7.26 -7.50 12.12
C SER A 133 6.12 -7.88 11.19
N ALA A 134 5.64 -6.88 10.45
CA ALA A 134 4.73 -7.07 9.34
C ALA A 134 5.27 -6.32 8.14
N ILE A 135 5.09 -6.91 6.96
CA ILE A 135 5.36 -6.20 5.71
C ILE A 135 4.14 -6.36 4.82
N PRO A 136 3.80 -5.38 3.99
CA PRO A 136 2.63 -5.52 3.12
C PRO A 136 2.90 -6.49 1.99
N ALA A 137 1.88 -7.24 1.61
CA ALA A 137 2.00 -8.19 0.50
C ALA A 137 0.62 -8.43 -0.07
N ASN A 138 0.53 -8.39 -1.40
CA ASN A 138 -0.68 -8.82 -2.09
C ASN A 138 -0.63 -10.33 -2.26
N ILE A 139 -1.64 -11.03 -1.75
CA ILE A 139 -1.66 -12.48 -1.66
C ILE A 139 -2.84 -12.99 -2.47
N HIS A 140 -2.56 -13.95 -3.35
CA HIS A 140 -3.59 -14.65 -4.11
C HIS A 140 -3.84 -15.99 -3.45
N ILE A 141 -5.04 -16.18 -2.91
CA ILE A 141 -5.43 -17.41 -2.25
C ILE A 141 -6.63 -17.97 -2.99
N TYR A 142 -6.44 -19.12 -3.64
CA TYR A 142 -7.45 -19.70 -4.53
C TYR A 142 -7.94 -18.67 -5.54
N ASP A 143 -9.21 -18.25 -5.42
CA ASP A 143 -9.81 -17.34 -6.38
C ASP A 143 -9.92 -15.91 -5.87
N THR A 144 -9.27 -15.58 -4.75
CA THR A 144 -9.31 -14.24 -4.19
C THR A 144 -7.92 -13.65 -4.13
N GLU A 145 -7.82 -12.38 -4.53
CA GLU A 145 -6.61 -11.59 -4.36
C GLU A 145 -6.85 -10.58 -3.25
N LYS A 146 -5.97 -10.55 -2.26
CA LYS A 146 -6.17 -9.74 -1.07
C LYS A 146 -4.90 -9.00 -0.71
N LYS A 147 -5.04 -7.73 -0.33
CA LYS A 147 -3.96 -7.03 0.34
C LYS A 147 -3.84 -7.57 1.77
N MET A 148 -2.68 -8.12 2.09
CA MET A 148 -2.45 -8.68 3.42
C MET A 148 -1.13 -8.16 3.99
N VAL A 149 -0.73 -8.70 5.13
CA VAL A 149 0.63 -8.52 5.62
C VAL A 149 1.24 -9.89 5.84
N GLU A 150 2.57 -9.96 5.74
CA GLU A 150 3.32 -11.15 6.12
C GLU A 150 3.95 -10.89 7.48
N ILE A 151 3.64 -11.75 8.44
CA ILE A 151 4.21 -11.65 9.78
C ILE A 151 5.47 -12.48 9.84
N ASN A 152 6.52 -11.95 10.45
CA ASN A 152 7.80 -12.63 10.48
C ASN A 152 8.59 -12.13 11.69
N PHE A 153 9.62 -12.91 12.04
CA PHE A 153 10.61 -12.51 13.03
C PHE A 153 10.02 -12.29 14.42
N LEU A 154 8.97 -13.04 14.76
CA LEU A 154 8.47 -13.04 16.13
C LEU A 154 9.51 -13.63 17.05
N CYS A 155 9.97 -12.84 18.01
CA CYS A 155 11.06 -13.24 18.89
C CYS A 155 10.86 -12.66 20.28
N VAL A 156 10.90 -13.53 21.28
CA VAL A 156 10.89 -13.13 22.68
C VAL A 156 12.21 -13.57 23.29
N HIS A 157 12.87 -12.67 24.01
CA HIS A 157 14.16 -12.99 24.61
C HIS A 157 14.03 -14.21 25.50
N LYS A 158 15.07 -15.05 25.49
CA LYS A 158 15.05 -16.31 26.23
C LYS A 158 14.69 -16.09 27.70
N LYS A 159 15.19 -15.01 28.29
CA LYS A 159 14.89 -14.70 29.69
C LYS A 159 13.46 -14.21 29.90
N LEU A 160 12.72 -13.95 28.83
CA LEU A 160 11.34 -13.49 28.91
C LEU A 160 10.32 -14.53 28.51
N ARG A 161 10.74 -15.75 28.22
CA ARG A 161 9.84 -16.73 27.63
C ARG A 161 8.81 -17.22 28.63
N SER A 162 7.76 -17.85 28.09
CA SER A 162 6.70 -18.48 28.89
C SER A 162 6.04 -17.48 29.85
N LYS A 163 6.06 -16.19 29.49
CA LYS A 163 5.40 -15.16 30.28
C LYS A 163 4.29 -14.46 29.49
N ARG A 164 3.71 -15.14 28.50
N ARG A 164 3.72 -15.12 28.48
N ARG A 164 3.75 -15.14 28.48
CA ARG A 164 2.60 -14.61 27.70
CA ARG A 164 2.60 -14.57 27.74
CA ARG A 164 2.65 -14.66 27.66
C ARG A 164 2.98 -13.30 26.99
C ARG A 164 2.97 -13.31 26.96
C ARG A 164 2.99 -13.31 27.02
N VAL A 165 4.26 -13.14 26.64
CA VAL A 165 4.68 -11.93 25.93
C VAL A 165 4.44 -12.09 24.43
N ALA A 166 4.49 -13.31 23.92
CA ALA A 166 4.21 -13.51 22.50
C ALA A 166 2.78 -13.13 22.12
N PRO A 167 1.73 -13.45 22.90
CA PRO A 167 0.38 -13.00 22.51
C PRO A 167 0.20 -11.49 22.49
N VAL A 168 0.88 -10.73 23.37
CA VAL A 168 0.73 -9.29 23.31
C VAL A 168 1.48 -8.72 22.11
N LEU A 169 2.60 -9.34 21.72
CA LEU A 169 3.25 -8.95 20.48
C LEU A 169 2.34 -9.18 19.27
N ILE A 170 1.66 -10.33 19.24
CA ILE A 170 0.77 -10.64 18.11
C ILE A 170 -0.41 -9.68 18.09
N ARG A 171 -1.01 -9.42 19.24
CA ARG A 171 -2.15 -8.52 19.28
C ARG A 171 -1.76 -7.09 18.95
N GLU A 172 -0.55 -6.67 19.31
CA GLU A 172 -0.13 -5.31 19.04
C GLU A 172 0.14 -5.10 17.55
N ILE A 173 0.81 -6.06 16.90
CA ILE A 173 1.03 -5.93 15.46
C ILE A 173 -0.29 -6.04 14.72
N THR A 174 -1.23 -6.85 15.23
CA THR A 174 -2.56 -6.90 14.63
C THR A 174 -3.24 -5.54 14.71
N ARG A 175 -3.13 -4.87 15.85
CA ARG A 175 -3.72 -3.54 16.02
C ARG A 175 -3.10 -2.55 15.04
N ARG A 176 -1.76 -2.55 14.93
CA ARG A 176 -1.09 -1.61 14.04
C ARG A 176 -1.37 -1.90 12.58
N VAL A 177 -1.54 -3.17 12.22
CA VAL A 177 -1.93 -3.51 10.85
C VAL A 177 -3.37 -3.09 10.60
N HIS A 178 -4.26 -3.36 11.56
CA HIS A 178 -5.65 -2.94 11.44
C HIS A 178 -5.78 -1.44 11.22
N LEU A 179 -4.90 -0.66 11.86
CA LEU A 179 -4.96 0.80 11.71
C LEU A 179 -4.72 1.23 10.27
N GLU A 180 -3.98 0.44 9.50
CA GLU A 180 -3.73 0.72 8.10
C GLU A 180 -4.77 0.10 7.19
N GLY A 181 -5.83 -0.48 7.74
CA GLY A 181 -6.93 -0.98 6.92
C GLY A 181 -6.72 -2.35 6.33
N ILE A 182 -5.92 -3.20 6.98
CA ILE A 182 -5.63 -4.54 6.51
C ILE A 182 -6.08 -5.53 7.58
N PHE A 183 -6.78 -6.58 7.14
CA PHE A 183 -7.45 -7.48 8.08
C PHE A 183 -7.14 -8.95 7.82
N GLN A 184 -6.23 -9.27 6.90
CA GLN A 184 -5.75 -10.62 6.70
C GLN A 184 -4.23 -10.64 6.76
N ALA A 185 -3.68 -11.78 7.16
CA ALA A 185 -2.24 -11.95 7.23
C ALA A 185 -1.87 -13.37 6.89
N VAL A 186 -0.63 -13.55 6.43
CA VAL A 186 -0.08 -14.87 6.15
C VAL A 186 1.23 -15.00 6.92
N TYR A 187 1.49 -16.20 7.43
CA TYR A 187 2.66 -16.44 8.27
C TYR A 187 2.94 -17.93 8.32
N THR A 188 4.18 -18.27 8.67
CA THR A 188 4.60 -19.65 8.81
C THR A 188 5.09 -19.91 10.23
N ALA A 189 5.21 -21.19 10.55
CA ALA A 189 5.71 -21.62 11.86
C ALA A 189 6.08 -23.09 11.79
N GLY A 190 7.09 -23.46 12.57
CA GLY A 190 7.47 -24.86 12.72
C GLY A 190 6.62 -25.63 13.69
N VAL A 191 5.71 -24.96 14.41
CA VAL A 191 4.80 -25.60 15.34
C VAL A 191 3.41 -25.61 14.71
N VAL A 192 2.56 -26.51 15.22
CA VAL A 192 1.18 -26.59 14.76
C VAL A 192 0.33 -25.63 15.58
N LEU A 193 -0.46 -24.83 14.90
CA LEU A 193 -1.38 -23.88 15.51
C LEU A 193 -2.71 -23.97 14.78
N PRO A 194 -3.80 -23.40 15.33
CA PRO A 194 -5.00 -23.28 14.50
C PRO A 194 -4.86 -22.16 13.47
N LYS A 195 -4.89 -22.46 12.18
CA LYS A 195 -4.96 -23.81 11.62
C LYS A 195 -4.25 -23.80 10.27
N PRO A 196 -3.36 -24.75 10.03
CA PRO A 196 -2.54 -24.70 8.80
C PRO A 196 -3.39 -24.76 7.54
N VAL A 197 -3.12 -23.84 6.61
CA VAL A 197 -3.67 -23.95 5.27
C VAL A 197 -2.88 -24.95 4.44
N GLY A 198 -1.64 -25.21 4.83
CA GLY A 198 -0.80 -26.16 4.14
C GLY A 198 0.43 -26.50 4.97
N THR A 199 0.93 -27.73 4.82
CA THR A 199 2.08 -28.20 5.56
C THR A 199 3.18 -28.54 4.57
N CYS A 200 4.32 -27.88 4.70
CA CYS A 200 5.47 -28.10 3.84
C CYS A 200 6.62 -28.69 4.65
N ARG A 201 7.47 -29.45 3.97
CA ARG A 201 8.58 -30.16 4.59
C ARG A 201 9.89 -29.66 4.00
N TYR A 202 10.85 -29.36 4.87
CA TYR A 202 12.18 -28.99 4.41
C TYR A 202 12.96 -30.22 3.97
N TRP A 203 13.67 -30.06 2.85
CA TRP A 203 14.63 -31.04 2.38
C TRP A 203 15.99 -30.37 2.30
N HIS A 204 17.05 -31.18 2.37
CA HIS A 204 18.41 -30.64 2.46
C HIS A 204 19.32 -31.37 1.49
N ARG A 205 20.14 -30.60 0.78
CA ARG A 205 21.12 -31.13 -0.16
C ARG A 205 22.51 -30.78 0.36
N SER A 206 23.24 -31.80 0.79
CA SER A 206 24.61 -31.58 1.27
C SER A 206 25.47 -31.04 0.13
N LEU A 207 26.24 -30.00 0.43
CA LEU A 207 27.23 -29.45 -0.49
C LEU A 207 28.65 -29.64 0.02
N ASN A 208 28.87 -29.44 1.32
N ASN A 208 28.86 -29.45 1.32
CA ASN A 208 30.13 -29.79 1.99
CA ASN A 208 30.11 -29.77 2.01
C ASN A 208 29.78 -30.84 3.04
C ASN A 208 29.79 -30.85 3.05
N PRO A 209 29.54 -32.08 2.60
CA PRO A 209 29.05 -33.11 3.53
C PRO A 209 29.99 -33.41 4.70
N ARG A 210 31.28 -33.14 4.56
CA ARG A 210 32.21 -33.39 5.65
C ARG A 210 31.99 -32.40 6.80
N LYS A 211 31.82 -31.12 6.50
CA LYS A 211 31.52 -30.15 7.56
C LYS A 211 30.18 -30.45 8.20
N LEU A 212 29.18 -30.83 7.39
CA LEU A 212 27.85 -31.11 7.94
C LEU A 212 27.90 -32.26 8.94
N ILE A 213 28.64 -33.32 8.62
CA ILE A 213 28.73 -34.47 9.52
C ILE A 213 29.56 -34.12 10.74
N GLU A 214 30.65 -33.36 10.54
CA GLU A 214 31.49 -32.95 11.66
C GLU A 214 30.71 -32.19 12.71
N VAL A 215 29.82 -31.29 12.27
CA VAL A 215 29.01 -30.50 13.19
C VAL A 215 27.69 -31.17 13.52
N LYS A 216 27.46 -32.38 13.04
CA LYS A 216 26.25 -33.16 13.34
C LYS A 216 24.98 -32.48 12.84
N PHE A 217 25.09 -31.74 11.73
CA PHE A 217 23.90 -31.26 11.04
C PHE A 217 23.20 -32.41 10.32
N SER A 218 23.98 -33.21 9.59
CA SER A 218 23.55 -34.45 8.98
C SER A 218 24.39 -35.58 9.58
N HIS A 219 24.12 -36.81 9.16
N HIS A 219 24.08 -36.82 9.16
CA HIS A 219 25.05 -37.84 9.57
CA HIS A 219 24.70 -38.04 9.67
C HIS A 219 25.09 -38.95 8.53
C HIS A 219 25.02 -39.00 8.54
N LEU A 220 26.09 -39.79 8.71
CA LEU A 220 26.44 -40.80 7.72
C LEU A 220 25.31 -41.82 7.58
N SER A 221 24.92 -42.07 6.34
CA SER A 221 23.88 -43.06 6.09
C SER A 221 24.34 -44.43 6.57
N ARG A 222 23.36 -45.30 6.84
CA ARG A 222 23.58 -46.59 7.47
C ARG A 222 24.84 -47.34 7.10
N ASN A 223 25.09 -47.52 5.79
CA ASN A 223 26.23 -48.29 5.30
C ASN A 223 26.97 -47.44 4.24
N MET A 224 27.56 -46.34 4.69
CA MET A 224 28.33 -45.48 3.79
C MET A 224 29.54 -44.92 4.53
N THR A 225 30.70 -44.96 3.87
CA THR A 225 31.89 -44.30 4.37
C THR A 225 31.76 -42.79 4.21
N MET A 226 32.67 -42.06 4.88
CA MET A 226 32.83 -40.65 4.60
C MET A 226 33.31 -40.43 3.17
N GLN A 227 34.29 -41.22 2.72
CA GLN A 227 34.75 -41.13 1.34
C GLN A 227 33.61 -41.35 0.36
N ARG A 228 32.69 -42.25 0.69
CA ARG A 228 31.57 -42.55 -0.20
C ARG A 228 30.56 -41.41 -0.18
N THR A 229 30.24 -40.89 1.00
CA THR A 229 29.31 -39.78 1.10
C THR A 229 29.77 -38.57 0.28
N MET A 230 31.08 -38.37 0.17
CA MET A 230 31.59 -37.23 -0.58
C MET A 230 31.47 -37.44 -2.08
N LYS A 231 31.79 -38.64 -2.57
CA LYS A 231 31.61 -38.95 -3.98
C LYS A 231 30.15 -38.84 -4.39
N LEU A 232 29.24 -39.25 -3.50
CA LEU A 232 27.81 -39.15 -3.79
C LEU A 232 27.40 -37.71 -4.03
N TYR A 233 27.93 -36.78 -3.26
CA TYR A 233 27.48 -35.39 -3.27
C TYR A 233 28.34 -34.48 -4.13
N ARG A 234 29.43 -34.99 -4.71
CA ARG A 234 30.24 -34.19 -5.61
C ARG A 234 29.40 -33.60 -6.72
N LEU A 235 29.72 -32.38 -7.12
CA LEU A 235 29.01 -31.64 -8.14
C LEU A 235 30.00 -31.12 -9.17
N PRO A 236 29.54 -30.84 -10.39
CA PRO A 236 30.41 -30.19 -11.38
C PRO A 236 30.90 -28.84 -10.86
N GLU A 237 32.01 -28.37 -11.44
CA GLU A 237 32.52 -27.06 -11.05
C GLU A 237 31.77 -25.91 -11.70
N THR A 238 31.08 -26.15 -12.81
CA THR A 238 30.38 -25.10 -13.52
C THR A 238 29.00 -25.59 -13.94
N PRO A 239 28.00 -24.71 -13.97
CA PRO A 239 26.66 -25.12 -14.40
C PRO A 239 26.65 -25.51 -15.87
N LYS A 240 25.67 -26.32 -16.25
CA LYS A 240 25.60 -26.83 -17.61
C LYS A 240 24.72 -26.01 -18.53
N THR A 241 23.71 -25.32 -17.98
CA THR A 241 22.72 -24.65 -18.82
C THR A 241 23.35 -23.53 -19.63
N ALA A 242 23.01 -23.50 -20.92
CA ALA A 242 23.48 -22.45 -21.82
C ALA A 242 22.84 -21.12 -21.46
N GLY A 243 23.64 -20.06 -21.42
CA GLY A 243 23.12 -18.73 -21.22
C GLY A 243 22.76 -18.38 -19.80
N LEU A 244 23.14 -19.21 -18.82
CA LEU A 244 22.90 -18.87 -17.43
C LEU A 244 23.82 -17.73 -17.01
N ARG A 245 23.26 -16.72 -16.37
CA ARG A 245 24.03 -15.55 -15.96
C ARG A 245 23.28 -14.85 -14.83
N PRO A 246 23.97 -14.07 -14.01
CA PRO A 246 23.28 -13.34 -12.95
C PRO A 246 22.24 -12.39 -13.50
N MET A 247 21.19 -12.19 -12.71
CA MET A 247 20.14 -11.24 -13.09
C MET A 247 20.69 -9.82 -13.12
N GLU A 248 20.23 -9.05 -14.10
CA GLU A 248 20.62 -7.65 -14.24
C GLU A 248 19.37 -6.78 -14.25
N THR A 249 19.61 -5.46 -14.14
CA THR A 249 18.50 -4.50 -14.13
C THR A 249 17.59 -4.67 -15.34
N LYS A 250 18.17 -4.94 -16.50
CA LYS A 250 17.38 -5.09 -17.72
C LYS A 250 16.46 -6.30 -17.67
N ASP A 251 16.69 -7.25 -16.76
CA ASP A 251 15.89 -8.46 -16.67
C ASP A 251 14.67 -8.32 -15.76
N ILE A 252 14.54 -7.21 -15.03
CA ILE A 252 13.45 -7.05 -14.08
C ILE A 252 12.07 -7.28 -14.73
N PRO A 253 11.74 -6.66 -15.87
CA PRO A 253 10.40 -6.90 -16.44
C PRO A 253 10.16 -8.35 -16.83
N VAL A 254 11.11 -8.99 -17.51
CA VAL A 254 10.88 -10.36 -17.96
C VAL A 254 10.82 -11.32 -16.78
N VAL A 255 11.60 -11.05 -15.72
CA VAL A 255 11.52 -11.87 -14.52
C VAL A 255 10.14 -11.71 -13.87
N HIS A 256 9.65 -10.47 -13.79
CA HIS A 256 8.30 -10.24 -13.30
C HIS A 256 7.27 -10.97 -14.15
N GLN A 257 7.42 -10.91 -15.48
CA GLN A 257 6.49 -11.59 -16.37
C GLN A 257 6.53 -13.09 -16.17
N LEU A 258 7.74 -13.67 -16.18
CA LEU A 258 7.88 -15.12 -16.01
C LEU A 258 7.30 -15.58 -14.67
N LEU A 259 7.60 -14.84 -13.59
CA LEU A 259 7.12 -15.22 -12.28
C LEU A 259 5.60 -15.15 -12.20
N THR A 260 5.02 -14.06 -12.72
CA THR A 260 3.57 -13.86 -12.63
C THR A 260 2.81 -14.99 -13.33
N ARG A 261 3.25 -15.38 -14.53
CA ARG A 261 2.58 -16.47 -15.24
C ARG A 261 2.81 -17.80 -14.55
N TYR A 262 4.04 -18.05 -14.09
CA TYR A 262 4.37 -19.34 -13.48
C TYR A 262 3.55 -19.59 -12.22
N LEU A 263 3.38 -18.56 -11.40
CA LEU A 263 2.70 -18.74 -10.11
C LEU A 263 1.21 -19.01 -10.25
N LYS A 264 0.62 -18.75 -11.43
CA LYS A 264 -0.81 -18.92 -11.59
C LYS A 264 -1.28 -20.34 -11.33
N GLN A 265 -0.39 -21.34 -11.47
CA GLN A 265 -0.79 -22.73 -11.30
C GLN A 265 -0.95 -23.14 -9.85
N PHE A 266 -0.59 -22.29 -8.89
CA PHE A 266 -0.65 -22.63 -7.48
C PHE A 266 -1.78 -21.86 -6.80
N HIS A 267 -2.11 -22.30 -5.59
CA HIS A 267 -3.30 -21.83 -4.89
C HIS A 267 -3.00 -20.79 -3.80
N LEU A 268 -1.75 -20.66 -3.37
CA LEU A 268 -1.36 -19.62 -2.42
C LEU A 268 -0.06 -19.01 -2.91
N THR A 269 -0.13 -17.81 -3.47
CA THR A 269 0.99 -17.18 -4.14
C THR A 269 1.05 -15.71 -3.77
N PRO A 270 2.21 -15.09 -3.89
CA PRO A 270 2.28 -13.63 -3.87
C PRO A 270 1.88 -13.06 -5.22
N VAL A 271 1.48 -11.79 -5.21
CA VAL A 271 1.26 -11.03 -6.42
C VAL A 271 2.16 -9.81 -6.32
N MET A 272 3.26 -9.83 -7.07
CA MET A 272 4.31 -8.83 -6.95
C MET A 272 4.18 -7.79 -8.06
N SER A 273 4.30 -6.52 -7.67
CA SER A 273 4.54 -5.47 -8.64
C SER A 273 5.94 -5.62 -9.24
N GLN A 274 6.21 -4.83 -10.28
CA GLN A 274 7.55 -4.86 -10.85
C GLN A 274 8.59 -4.32 -9.89
N GLU A 275 8.20 -3.35 -9.04
CA GLU A 275 9.12 -2.86 -8.01
C GLU A 275 9.39 -3.94 -6.97
N GLU A 276 8.36 -4.70 -6.60
CA GLU A 276 8.56 -5.79 -5.66
C GLU A 276 9.43 -6.90 -6.25
N VAL A 277 9.31 -7.14 -7.55
CA VAL A 277 10.18 -8.12 -8.20
C VAL A 277 11.62 -7.65 -8.16
N GLU A 278 11.87 -6.37 -8.42
CA GLU A 278 13.22 -5.83 -8.30
C GLU A 278 13.76 -6.03 -6.90
N HIS A 279 12.97 -5.68 -5.88
CA HIS A 279 13.45 -5.79 -4.50
C HIS A 279 13.79 -7.24 -4.15
N TRP A 280 12.88 -8.17 -4.45
CA TRP A 280 13.04 -9.53 -3.95
C TRP A 280 14.02 -10.37 -4.77
N PHE A 281 14.34 -9.97 -6.00
CA PHE A 281 15.15 -10.82 -6.87
C PHE A 281 16.44 -10.19 -7.36
N TYR A 282 16.54 -8.87 -7.41
CA TYR A 282 17.79 -8.25 -7.89
C TYR A 282 18.93 -8.67 -6.97
N PRO A 283 19.99 -9.25 -7.50
CA PRO A 283 20.99 -9.91 -6.65
C PRO A 283 21.70 -8.94 -5.71
N GLN A 284 21.76 -9.32 -4.44
CA GLN A 284 22.61 -8.66 -3.45
C GLN A 284 23.49 -9.73 -2.83
N GLU A 285 24.80 -9.51 -2.90
CA GLU A 285 25.76 -10.51 -2.43
C GLU A 285 25.53 -10.82 -0.95
N ASN A 286 25.54 -12.11 -0.64
CA ASN A 286 25.28 -12.68 0.69
C ASN A 286 23.85 -12.46 1.17
N ILE A 287 22.93 -12.13 0.27
CA ILE A 287 21.52 -11.98 0.63
C ILE A 287 20.66 -12.79 -0.31
N ILE A 288 20.63 -12.39 -1.59
CA ILE A 288 19.77 -13.01 -2.58
C ILE A 288 20.57 -13.18 -3.87
N ASP A 289 20.44 -14.33 -4.50
CA ASP A 289 21.07 -14.62 -5.79
C ASP A 289 19.99 -15.00 -6.78
N THR A 290 20.05 -14.42 -7.98
CA THR A 290 19.14 -14.77 -9.06
C THR A 290 19.94 -14.91 -10.34
N PHE A 291 19.75 -16.03 -11.03
CA PHE A 291 20.38 -16.28 -12.31
C PHE A 291 19.29 -16.50 -13.35
N VAL A 292 19.42 -15.84 -14.48
CA VAL A 292 18.46 -15.97 -15.57
C VAL A 292 19.10 -16.82 -16.67
N VAL A 293 18.25 -17.43 -17.48
CA VAL A 293 18.68 -18.17 -18.66
C VAL A 293 18.35 -17.31 -19.88
N GLU A 294 19.38 -16.72 -20.48
CA GLU A 294 19.23 -15.98 -21.73
C GLU A 294 19.67 -16.88 -22.87
N ASN A 295 18.77 -17.14 -23.82
CA ASN A 295 19.01 -18.16 -24.83
C ASN A 295 19.76 -17.58 -26.03
N ALA A 296 19.82 -18.36 -27.12
CA ALA A 296 20.57 -17.96 -28.30
C ALA A 296 19.91 -16.81 -29.05
N ASN A 297 18.63 -16.55 -28.81
CA ASN A 297 17.94 -15.41 -29.40
C ASN A 297 17.99 -14.17 -28.51
N GLY A 298 18.60 -14.27 -27.34
CA GLY A 298 18.61 -13.18 -26.38
C GLY A 298 17.39 -13.10 -25.49
N GLU A 299 16.54 -14.12 -25.51
CA GLU A 299 15.32 -14.12 -24.71
C GLU A 299 15.58 -14.80 -23.37
N VAL A 300 15.11 -14.18 -22.29
CA VAL A 300 15.19 -14.79 -20.96
C VAL A 300 14.00 -15.72 -20.79
N THR A 301 14.28 -17.02 -20.67
CA THR A 301 13.23 -18.02 -20.60
C THR A 301 13.08 -18.68 -19.23
N ASP A 302 14.10 -18.60 -18.37
CA ASP A 302 14.06 -19.24 -17.07
C ASP A 302 14.83 -18.38 -16.07
N PHE A 303 14.58 -18.62 -14.78
CA PHE A 303 15.45 -18.07 -13.76
C PHE A 303 15.37 -18.92 -12.50
N LEU A 304 16.47 -18.92 -11.74
CA LEU A 304 16.56 -19.57 -10.45
C LEU A 304 16.98 -18.55 -9.40
N SER A 305 16.58 -18.78 -8.16
CA SER A 305 16.96 -17.87 -7.09
C SER A 305 17.04 -18.61 -5.77
N PHE A 306 17.98 -18.18 -4.93
CA PHE A 306 18.12 -18.70 -3.58
C PHE A 306 18.67 -17.58 -2.69
N TYR A 307 18.22 -17.55 -1.45
CA TYR A 307 18.69 -16.53 -0.52
C TYR A 307 19.63 -17.13 0.52
N THR A 308 20.47 -16.27 1.07
CA THR A 308 21.54 -16.66 1.99
C THR A 308 21.04 -16.52 3.42
N LEU A 309 20.98 -17.63 4.15
CA LEU A 309 20.64 -17.61 5.57
C LEU A 309 21.59 -18.55 6.31
N PRO A 310 22.65 -18.02 6.89
CA PRO A 310 23.56 -18.85 7.69
C PRO A 310 23.00 -19.11 9.08
N SER A 311 23.62 -20.04 9.78
CA SER A 311 23.18 -20.42 11.11
C SER A 311 24.37 -20.51 12.05
N THR A 312 24.16 -20.13 13.30
CA THR A 312 25.16 -20.28 14.35
C THR A 312 25.18 -21.73 14.83
N ILE A 313 26.38 -22.28 14.98
CA ILE A 313 26.58 -23.58 15.59
C ILE A 313 26.94 -23.34 17.05
N MET A 314 26.08 -23.74 17.96
CA MET A 314 26.28 -23.43 19.38
C MET A 314 27.21 -24.45 20.03
N ASN A 315 28.06 -23.96 20.93
CA ASN A 315 28.92 -24.80 21.77
C ASN A 315 29.87 -25.65 20.93
N HIS A 316 30.31 -25.16 19.78
CA HIS A 316 31.36 -25.90 19.09
C HIS A 316 32.65 -25.11 19.11
N PRO A 317 33.74 -25.72 19.58
CA PRO A 317 35.01 -24.99 19.68
C PRO A 317 35.61 -24.57 18.34
N THR A 318 35.41 -25.34 17.28
CA THR A 318 36.07 -25.07 16.00
C THR A 318 35.13 -24.55 14.92
N HIS A 319 33.96 -25.16 14.73
CA HIS A 319 33.02 -24.74 13.70
C HIS A 319 31.95 -23.86 14.31
N LYS A 320 31.90 -22.61 13.86
CA LYS A 320 31.05 -21.58 14.45
C LYS A 320 29.78 -21.31 13.65
N SER A 321 29.79 -21.55 12.35
CA SER A 321 28.70 -21.10 11.50
C SER A 321 28.45 -22.09 10.37
N LEU A 322 27.18 -22.27 10.04
CA LEU A 322 26.73 -23.08 8.92
C LEU A 322 26.17 -22.16 7.84
N LYS A 323 26.71 -22.26 6.63
CA LYS A 323 26.30 -21.40 5.52
C LYS A 323 25.27 -22.14 4.68
N ALA A 324 24.01 -21.73 4.80
CA ALA A 324 22.91 -22.38 4.12
C ALA A 324 22.33 -21.49 3.04
N ALA A 325 22.03 -22.09 1.89
CA ALA A 325 21.28 -21.44 0.83
C ALA A 325 19.87 -22.02 0.81
N TYR A 326 18.88 -21.15 0.65
CA TYR A 326 17.48 -21.55 0.69
C TYR A 326 16.84 -21.29 -0.68
N SER A 327 16.26 -22.34 -1.26
CA SER A 327 15.53 -22.19 -2.51
C SER A 327 14.44 -21.13 -2.37
N PHE A 328 14.41 -20.21 -3.35
CA PHE A 328 13.47 -19.09 -3.29
C PHE A 328 12.39 -19.35 -4.33
N TYR A 329 12.43 -18.72 -5.50
CA TYR A 329 11.49 -18.97 -6.58
C TYR A 329 12.26 -19.41 -7.82
N ASN A 330 11.83 -20.52 -8.42
CA ASN A 330 12.48 -21.07 -9.59
C ASN A 330 11.42 -21.24 -10.68
N VAL A 331 11.59 -20.52 -11.79
CA VAL A 331 10.64 -20.50 -12.89
C VAL A 331 11.32 -21.14 -14.10
N HIS A 332 10.65 -22.12 -14.71
CA HIS A 332 11.12 -22.80 -15.90
C HIS A 332 10.05 -22.70 -16.98
N THR A 333 10.47 -22.33 -18.19
CA THR A 333 9.62 -22.41 -19.38
C THR A 333 10.28 -23.08 -20.56
N GLN A 334 11.61 -23.09 -20.65
CA GLN A 334 12.36 -23.83 -21.66
C GLN A 334 13.35 -24.80 -21.05
N THR A 335 14.11 -24.38 -20.05
CA THR A 335 15.05 -25.26 -19.36
C THR A 335 14.28 -26.18 -18.41
N PRO A 336 14.58 -27.48 -18.40
CA PRO A 336 13.90 -28.36 -17.43
C PRO A 336 14.22 -27.95 -16.01
N LEU A 337 13.21 -28.06 -15.13
CA LEU A 337 13.38 -27.66 -13.74
C LEU A 337 14.55 -28.39 -13.10
N LEU A 338 14.74 -29.67 -13.45
CA LEU A 338 15.82 -30.45 -12.83
C LEU A 338 17.19 -29.93 -13.25
N ASP A 339 17.34 -29.55 -14.52
CA ASP A 339 18.58 -28.90 -14.93
C ASP A 339 18.76 -27.56 -14.22
N LEU A 340 17.67 -26.80 -14.10
CA LEU A 340 17.74 -25.51 -13.42
C LEU A 340 18.23 -25.67 -11.98
N MET A 341 17.61 -26.59 -11.24
CA MET A 341 17.98 -26.78 -9.84
C MET A 341 19.37 -27.42 -9.70
N SER A 342 19.76 -28.27 -10.65
CA SER A 342 21.12 -28.79 -10.65
C SER A 342 22.14 -27.67 -10.73
N ASP A 343 21.87 -26.67 -11.58
CA ASP A 343 22.77 -25.53 -11.67
C ASP A 343 22.72 -24.67 -10.43
N ALA A 344 21.57 -24.61 -9.76
CA ALA A 344 21.49 -23.92 -8.47
C ALA A 344 22.45 -24.54 -7.47
N LEU A 345 22.47 -25.88 -7.41
CA LEU A 345 23.38 -26.57 -6.50
C LEU A 345 24.83 -26.25 -6.82
N VAL A 346 25.19 -26.31 -8.11
CA VAL A 346 26.56 -25.98 -8.52
C VAL A 346 26.90 -24.55 -8.12
N LEU A 347 25.99 -23.62 -8.38
CA LEU A 347 26.25 -22.22 -8.04
C LEU A 347 26.37 -22.04 -6.53
N ALA A 348 25.51 -22.69 -5.75
CA ALA A 348 25.61 -22.61 -4.29
C ALA A 348 26.93 -23.19 -3.81
N LYS A 349 27.32 -24.36 -4.34
CA LYS A 349 28.62 -24.93 -4.02
C LYS A 349 29.74 -23.96 -4.35
N MET A 350 29.67 -23.31 -5.51
CA MET A 350 30.70 -22.37 -5.93
C MET A 350 30.81 -21.21 -4.94
N LYS A 351 29.70 -20.77 -4.37
CA LYS A 351 29.66 -19.60 -3.51
C LYS A 351 29.99 -19.90 -2.05
N GLY A 352 30.39 -21.12 -1.74
CA GLY A 352 30.84 -21.47 -0.40
C GLY A 352 29.77 -21.96 0.54
N PHE A 353 28.56 -22.24 0.05
CA PHE A 353 27.51 -22.74 0.92
C PHE A 353 27.80 -24.19 1.32
N ASP A 354 27.40 -24.53 2.55
CA ASP A 354 27.56 -25.88 3.05
C ASP A 354 26.37 -26.78 2.73
N VAL A 355 25.17 -26.20 2.64
CA VAL A 355 23.96 -26.97 2.38
C VAL A 355 23.02 -26.11 1.56
N PHE A 356 22.16 -26.78 0.78
CA PHE A 356 21.13 -26.13 -0.01
C PHE A 356 19.78 -26.66 0.46
N ASN A 357 18.97 -25.77 1.01
CA ASN A 357 17.67 -26.15 1.56
C ASN A 357 16.55 -25.82 0.57
N ALA A 358 15.51 -26.65 0.60
CA ALA A 358 14.35 -26.45 -0.26
C ALA A 358 13.16 -27.14 0.38
N LEU A 359 11.98 -26.55 0.20
CA LEU A 359 10.73 -27.12 0.68
C LEU A 359 10.11 -27.99 -0.42
N ASP A 360 9.16 -28.82 -0.02
CA ASP A 360 8.45 -29.68 -0.96
C ASP A 360 7.26 -28.99 -1.61
N LEU A 361 7.23 -27.66 -1.60
CA LEU A 361 6.14 -26.91 -2.19
C LEU A 361 6.37 -26.69 -3.68
N MET A 362 5.39 -26.09 -4.34
CA MET A 362 5.40 -25.91 -5.79
C MET A 362 5.73 -27.24 -6.48
N GLU A 363 6.60 -27.23 -7.49
CA GLU A 363 6.96 -28.46 -8.19
C GLU A 363 8.25 -29.08 -7.64
N ASN A 364 8.65 -28.70 -6.42
CA ASN A 364 9.97 -29.11 -5.92
C ASN A 364 10.09 -30.61 -5.76
N LYS A 365 8.98 -31.31 -5.50
CA LYS A 365 9.06 -32.75 -5.31
C LYS A 365 9.52 -33.49 -6.57
N THR A 366 9.35 -32.89 -7.75
CA THR A 366 9.80 -33.52 -8.98
C THR A 366 11.33 -33.60 -9.07
N PHE A 367 12.07 -32.88 -8.24
CA PHE A 367 13.53 -32.89 -8.32
C PHE A 367 14.24 -33.18 -7.01
N LEU A 368 13.55 -33.18 -5.86
CA LEU A 368 14.24 -33.29 -4.58
C LEU A 368 15.02 -34.60 -4.47
N GLU A 369 14.37 -35.73 -4.76
CA GLU A 369 15.04 -37.02 -4.59
C GLU A 369 16.08 -37.25 -5.69
N LYS A 370 15.75 -36.91 -6.93
CA LYS A 370 16.69 -37.12 -8.03
C LYS A 370 17.98 -36.33 -7.84
N LEU A 371 17.90 -35.16 -7.20
CA LEU A 371 19.07 -34.33 -6.97
C LEU A 371 19.71 -34.58 -5.60
N LYS A 372 19.36 -35.69 -4.95
CA LYS A 372 20.00 -36.15 -3.72
C LYS A 372 19.71 -35.25 -2.52
N PHE A 373 18.52 -34.65 -2.48
CA PHE A 373 18.06 -34.03 -1.25
C PHE A 373 17.66 -35.11 -0.24
N GLY A 374 17.89 -34.81 1.03
CA GLY A 374 17.44 -35.67 2.13
C GLY A 374 16.33 -34.97 2.89
N ILE A 375 15.26 -35.73 3.19
CA ILE A 375 14.13 -35.14 3.88
C ILE A 375 14.57 -34.65 5.26
N GLY A 376 14.01 -33.51 5.69
CA GLY A 376 14.35 -32.92 6.97
C GLY A 376 13.36 -33.32 8.06
N ASP A 377 13.71 -32.93 9.28
CA ASP A 377 12.86 -33.20 10.44
C ASP A 377 11.89 -32.07 10.74
N GLY A 378 11.93 -30.99 9.97
CA GLY A 378 11.10 -29.83 10.27
C GLY A 378 10.01 -29.57 9.25
N ASN A 379 8.77 -29.52 9.71
CA ASN A 379 7.68 -29.03 8.89
C ASN A 379 7.62 -27.51 8.95
N LEU A 380 7.17 -26.91 7.85
CA LEU A 380 6.85 -25.49 7.82
C LEU A 380 5.36 -25.37 7.56
N GLN A 381 4.61 -25.01 8.60
CA GLN A 381 3.17 -24.82 8.47
C GLN A 381 2.88 -23.44 7.92
N TYR A 382 1.91 -23.37 7.00
CA TYR A 382 1.46 -22.10 6.45
C TYR A 382 0.10 -21.77 7.03
N TYR A 383 -0.08 -20.51 7.43
CA TYR A 383 -1.31 -20.07 8.07
C TYR A 383 -1.79 -18.77 7.44
N LEU A 384 -3.12 -18.61 7.43
CA LEU A 384 -3.76 -17.35 7.12
C LEU A 384 -4.50 -16.85 8.35
N TYR A 385 -4.50 -15.54 8.56
CA TYR A 385 -5.19 -14.91 9.68
C TYR A 385 -6.46 -14.25 9.16
N ASN A 386 -7.58 -14.56 9.79
CA ASN A 386 -8.90 -14.03 9.42
C ASN A 386 -9.24 -14.37 7.96
N TRP A 387 -8.89 -15.58 7.54
CA TRP A 387 -9.32 -16.07 6.23
C TRP A 387 -9.60 -17.56 6.32
N LYS A 388 -10.80 -17.93 5.88
CA LYS A 388 -11.27 -19.31 5.87
C LYS A 388 -11.18 -19.84 4.45
N CYS A 389 -10.56 -21.01 4.30
CA CYS A 389 -10.45 -21.65 2.99
C CYS A 389 -10.01 -23.09 3.19
N PRO A 390 -10.30 -23.96 2.23
CA PRO A 390 -9.83 -25.34 2.33
C PRO A 390 -8.32 -25.40 2.34
N SER A 391 -7.79 -26.37 3.09
CA SER A 391 -6.36 -26.60 3.09
C SER A 391 -5.91 -27.07 1.71
N MET A 392 -4.60 -27.12 1.52
CA MET A 392 -4.04 -27.51 0.23
C MET A 392 -2.77 -28.32 0.46
N GLY A 393 -2.47 -29.21 -0.49
CA GLY A 393 -1.22 -29.92 -0.44
C GLY A 393 -0.03 -29.01 -0.68
N ALA A 394 1.13 -29.48 -0.25
CA ALA A 394 2.35 -28.68 -0.35
C ALA A 394 2.61 -28.24 -1.78
N GLU A 395 2.34 -29.11 -2.74
CA GLU A 395 2.60 -28.79 -4.15
C GLU A 395 1.74 -27.65 -4.67
N LYS A 396 0.68 -27.26 -3.95
CA LYS A 396 -0.13 -26.12 -4.33
C LYS A 396 0.27 -24.84 -3.62
N VAL A 397 1.20 -24.91 -2.66
CA VAL A 397 1.72 -23.72 -2.00
C VAL A 397 2.77 -23.10 -2.91
N GLY A 398 2.56 -21.85 -3.28
CA GLY A 398 3.51 -21.15 -4.13
C GLY A 398 4.01 -19.86 -3.50
N LEU A 399 4.36 -19.94 -2.22
CA LEU A 399 4.77 -18.76 -1.46
C LEU A 399 5.96 -19.13 -0.59
N VAL A 400 7.04 -18.35 -0.69
CA VAL A 400 8.25 -18.57 0.09
C VAL A 400 8.56 -17.30 0.86
N LEU A 401 8.71 -17.42 2.18
CA LEU A 401 9.04 -16.31 3.05
C LEU A 401 10.47 -16.46 3.55
N GLN A 402 11.03 -15.33 4.00
CA GLN A 402 12.41 -15.31 4.49
C GLN A 402 12.51 -15.89 5.90
N GLY B 10 -7.87 23.06 -27.44
CA GLY B 10 -9.00 23.73 -26.82
C GLY B 10 -10.02 22.77 -26.24
N PRO B 11 -10.37 22.95 -24.97
CA PRO B 11 -11.21 21.96 -24.28
C PRO B 11 -12.70 22.25 -24.41
N ALA B 12 -13.47 21.19 -24.23
CA ALA B 12 -14.92 21.28 -24.15
C ALA B 12 -15.36 21.23 -22.69
N LYS B 13 -16.28 22.12 -22.33
CA LYS B 13 -16.86 22.13 -21.00
C LYS B 13 -18.25 21.51 -20.94
N THR B 14 -18.90 21.31 -22.08
CA THR B 14 -20.21 20.67 -22.16
C THR B 14 -20.09 19.36 -22.91
N MET B 15 -21.16 18.56 -22.86
CA MET B 15 -21.14 17.28 -23.55
C MET B 15 -21.46 17.44 -25.04
N GLU B 16 -22.18 18.51 -25.40
CA GLU B 16 -22.44 18.78 -26.79
C GLU B 16 -21.16 19.17 -27.53
N GLU B 17 -20.38 20.11 -26.96
CA GLU B 17 -19.05 20.37 -27.50
C GLU B 17 -18.16 19.14 -27.42
N ALA B 18 -18.33 18.31 -26.39
CA ALA B 18 -17.43 17.17 -26.18
C ALA B 18 -17.45 16.20 -27.35
N SER B 19 -18.64 15.71 -27.71
CA SER B 19 -18.73 14.72 -28.77
C SER B 19 -18.63 15.35 -30.17
N LYS B 20 -18.52 16.67 -30.26
CA LYS B 20 -18.22 17.29 -31.55
C LYS B 20 -16.80 16.98 -31.97
N ARG B 21 -15.88 16.97 -31.02
CA ARG B 21 -14.46 16.93 -31.33
C ARG B 21 -13.91 15.50 -31.29
N SER B 22 -12.60 15.38 -31.51
CA SER B 22 -11.88 14.11 -31.46
C SER B 22 -10.70 14.25 -30.50
N TYR B 23 -10.31 13.13 -29.89
CA TYR B 23 -9.35 13.12 -28.79
C TYR B 23 -8.14 12.30 -29.20
N GLN B 24 -7.14 12.97 -29.77
CA GLN B 24 -5.98 12.28 -30.32
C GLN B 24 -5.19 11.54 -29.24
N PHE B 25 -5.15 12.06 -28.01
CA PHE B 25 -4.49 11.33 -26.94
C PHE B 25 -5.42 10.33 -26.26
N TRP B 26 -6.60 10.79 -25.84
CA TRP B 26 -7.47 9.94 -25.04
C TRP B 26 -8.08 8.79 -25.83
N ASP B 27 -8.08 8.85 -27.16
CA ASP B 27 -8.51 7.71 -27.96
C ASP B 27 -7.51 6.55 -27.83
N THR B 28 -6.25 6.85 -27.51
CA THR B 28 -5.25 5.81 -27.30
C THR B 28 -5.28 5.24 -25.90
N GLN B 29 -6.13 5.76 -25.03
CA GLN B 29 -6.11 5.39 -23.63
C GLN B 29 -7.20 4.38 -23.31
N PRO B 30 -7.00 3.52 -22.23
CA PRO B 30 -8.03 2.54 -21.83
C PRO B 30 -9.19 3.18 -21.08
N VAL B 31 -9.90 4.08 -21.77
CA VAL B 31 -11.12 4.68 -21.25
C VAL B 31 -12.23 4.47 -22.27
N PRO B 32 -13.49 4.46 -21.88
CA PRO B 32 -14.57 4.29 -22.86
C PRO B 32 -14.72 5.52 -23.74
N LYS B 33 -15.24 5.32 -24.94
CA LYS B 33 -15.49 6.44 -25.84
C LYS B 33 -16.64 7.30 -25.33
N LEU B 34 -16.58 8.59 -25.63
CA LEU B 34 -17.76 9.44 -25.46
C LEU B 34 -18.89 8.91 -26.33
N GLY B 35 -20.10 8.92 -25.80
CA GLY B 35 -21.22 8.36 -26.51
C GLY B 35 -21.34 6.85 -26.44
N GLU B 36 -20.28 6.15 -26.02
CA GLU B 36 -20.44 4.78 -25.56
C GLU B 36 -21.35 4.78 -24.34
N VAL B 37 -22.32 3.87 -24.32
CA VAL B 37 -23.11 3.63 -23.12
C VAL B 37 -22.60 2.32 -22.51
N VAL B 38 -22.07 2.41 -21.30
CA VAL B 38 -21.37 1.31 -20.65
C VAL B 38 -22.36 0.57 -19.77
N ASN B 39 -22.50 -0.73 -20.00
CA ASN B 39 -23.34 -1.59 -19.19
C ASN B 39 -22.56 -2.77 -18.61
N THR B 40 -21.23 -2.72 -18.65
CA THR B 40 -20.37 -3.72 -18.05
C THR B 40 -19.62 -3.10 -16.86
N HIS B 41 -18.91 -3.96 -16.13
CA HIS B 41 -18.14 -3.54 -14.96
C HIS B 41 -16.79 -4.24 -15.01
N GLY B 42 -15.71 -3.49 -15.25
CA GLY B 42 -14.39 -4.08 -15.17
C GLY B 42 -13.29 -3.32 -15.89
N PRO B 43 -12.10 -3.91 -15.91
CA PRO B 43 -10.96 -3.27 -16.57
C PRO B 43 -11.15 -3.18 -18.07
N VAL B 44 -10.52 -2.18 -18.67
CA VAL B 44 -10.52 -2.06 -20.12
C VAL B 44 -9.44 -2.93 -20.74
N GLU B 45 -8.27 -2.98 -20.12
CA GLU B 45 -7.13 -3.75 -20.59
C GLU B 45 -6.55 -4.56 -19.43
N PRO B 46 -5.87 -5.67 -19.73
CA PRO B 46 -5.33 -6.49 -18.65
C PRO B 46 -4.20 -5.80 -17.91
N ASP B 47 -4.01 -6.22 -16.65
CA ASP B 47 -2.86 -5.79 -15.88
C ASP B 47 -1.57 -6.15 -16.63
N LYS B 48 -0.60 -5.25 -16.57
CA LYS B 48 0.64 -5.41 -17.31
C LYS B 48 1.65 -6.18 -16.46
N ASP B 49 2.16 -7.30 -16.98
CA ASP B 49 3.15 -8.09 -16.27
C ASP B 49 4.59 -7.79 -16.71
N ASN B 50 4.79 -6.84 -17.61
CA ASN B 50 6.09 -6.19 -17.74
C ASN B 50 5.84 -4.73 -18.11
N ILE B 51 6.55 -3.83 -17.43
CA ILE B 51 6.31 -2.41 -17.54
C ILE B 51 7.58 -1.74 -18.05
N ARG B 52 7.41 -0.85 -19.03
CA ARG B 52 8.47 0.02 -19.54
C ARG B 52 9.32 0.59 -18.40
N GLN B 53 10.62 0.27 -18.42
CA GLN B 53 11.52 0.74 -17.38
C GLN B 53 12.02 2.15 -17.61
N GLU B 54 12.01 2.62 -18.85
CA GLU B 54 12.55 3.93 -19.21
C GLU B 54 11.46 4.99 -19.14
N PRO B 55 11.79 6.16 -18.58
CA PRO B 55 10.82 7.26 -18.60
C PRO B 55 10.49 7.66 -20.03
N TYR B 56 9.32 8.25 -20.21
CA TYR B 56 8.92 8.69 -21.53
C TYR B 56 9.72 9.93 -21.94
N THR B 57 9.83 10.13 -23.24
CA THR B 57 10.65 11.19 -23.79
C THR B 57 9.91 12.53 -23.69
N LEU B 58 10.53 13.48 -22.99
CA LEU B 58 10.03 14.85 -22.98
C LEU B 58 10.58 15.59 -24.21
N PRO B 59 9.98 16.73 -24.55
CA PRO B 59 10.58 17.56 -25.61
C PRO B 59 12.01 17.93 -25.24
N GLN B 60 12.83 18.14 -26.27
CA GLN B 60 14.23 18.48 -26.06
C GLN B 60 14.36 19.70 -25.16
N GLY B 61 15.23 19.61 -24.16
CA GLY B 61 15.43 20.68 -23.21
C GLY B 61 14.65 20.56 -21.91
N PHE B 62 13.95 19.45 -21.69
CA PHE B 62 13.17 19.23 -20.48
C PHE B 62 13.46 17.84 -19.92
N THR B 63 13.33 17.70 -18.61
CA THR B 63 13.69 16.46 -17.95
C THR B 63 12.76 16.21 -16.76
N TRP B 64 12.66 14.94 -16.38
CA TRP B 64 11.84 14.54 -15.24
C TRP B 64 12.57 14.80 -13.93
N ASP B 65 11.80 14.95 -12.86
CA ASP B 65 12.36 15.05 -11.52
C ASP B 65 11.26 14.79 -10.49
N ALA B 66 11.51 13.81 -9.62
CA ALA B 66 10.61 13.52 -8.52
C ALA B 66 10.81 14.57 -7.42
N LEU B 67 9.73 15.29 -7.10
CA LEU B 67 9.80 16.39 -6.14
C LEU B 67 9.66 15.84 -4.73
N ASP B 68 10.73 15.98 -3.94
CA ASP B 68 10.69 15.67 -2.52
C ASP B 68 10.13 16.88 -1.79
N LEU B 69 8.85 16.82 -1.43
CA LEU B 69 8.19 17.94 -0.77
C LEU B 69 8.69 18.16 0.64
N GLY B 70 9.37 17.16 1.23
CA GLY B 70 10.01 17.36 2.51
C GLY B 70 11.13 18.39 2.47
N ASP B 71 11.71 18.62 1.30
CA ASP B 71 12.61 19.74 1.10
C ASP B 71 11.79 21.00 0.89
N ARG B 72 11.93 21.98 1.79
CA ARG B 72 11.08 23.16 1.74
C ARG B 72 11.32 23.98 0.47
N GLY B 73 12.55 24.01 -0.03
CA GLY B 73 12.82 24.70 -1.28
C GLY B 73 12.05 24.11 -2.44
N VAL B 74 12.00 22.78 -2.51
CA VAL B 74 11.26 22.12 -3.59
C VAL B 74 9.76 22.34 -3.43
N LEU B 75 9.25 22.23 -2.20
CA LEU B 75 7.84 22.46 -1.95
C LEU B 75 7.43 23.86 -2.37
N LYS B 76 8.29 24.86 -2.14
CA LYS B 76 7.99 26.21 -2.56
C LYS B 76 8.04 26.36 -4.08
N GLU B 77 8.95 25.62 -4.74
CA GLU B 77 8.94 25.59 -6.20
C GLU B 77 7.60 25.10 -6.73
N LEU B 78 7.08 24.02 -6.14
CA LEU B 78 5.79 23.49 -6.56
C LEU B 78 4.66 24.48 -6.25
N TYR B 79 4.67 25.05 -5.05
CA TYR B 79 3.69 26.07 -4.68
C TYR B 79 3.70 27.22 -5.68
N THR B 80 4.89 27.68 -6.08
CA THR B 80 4.97 28.81 -6.99
C THR B 80 4.49 28.43 -8.39
N LEU B 81 4.78 27.21 -8.83
CA LEU B 81 4.28 26.76 -10.13
C LEU B 81 2.75 26.73 -10.14
N LEU B 82 2.15 26.13 -9.12
CA LEU B 82 0.69 26.06 -9.05
C LEU B 82 0.08 27.44 -8.85
N ASN B 83 0.65 28.24 -7.96
CA ASN B 83 0.10 29.58 -7.70
C ASN B 83 0.12 30.44 -8.96
N GLU B 84 1.01 30.15 -9.91
CA GLU B 84 1.13 30.95 -11.11
C GLU B 84 0.55 30.32 -12.36
N ASN B 85 0.26 29.00 -12.34
CA ASN B 85 -0.13 28.34 -13.58
C ASN B 85 -1.24 27.30 -13.42
N TYR B 86 -1.87 27.18 -12.25
CA TYR B 86 -2.84 26.11 -12.06
C TYR B 86 -4.24 26.60 -12.46
N VAL B 87 -5.28 25.95 -11.94
CA VAL B 87 -6.63 26.12 -12.46
C VAL B 87 -7.14 27.52 -12.17
N GLU B 88 -7.79 28.12 -13.17
CA GLU B 88 -8.43 29.42 -13.05
C GLU B 88 -9.91 29.30 -13.34
N ASP B 89 -10.68 30.25 -12.80
CA ASP B 89 -12.07 30.41 -13.22
C ASP B 89 -12.10 30.75 -14.70
N ASP B 90 -13.22 30.42 -15.34
CA ASP B 90 -13.26 30.53 -16.80
C ASP B 90 -13.22 31.97 -17.30
N ASP B 91 -13.34 32.95 -16.41
CA ASP B 91 -13.19 34.36 -16.78
C ASP B 91 -11.78 34.89 -16.47
N ASN B 92 -10.88 34.03 -16.01
CA ASN B 92 -9.48 34.38 -15.78
C ASN B 92 -9.35 35.57 -14.83
N MET B 93 -10.12 35.52 -13.74
CA MET B 93 -9.99 36.51 -12.68
C MET B 93 -9.56 35.93 -11.35
N PHE B 94 -9.68 34.61 -11.16
CA PHE B 94 -9.32 33.97 -9.91
C PHE B 94 -8.55 32.69 -10.18
N ARG B 95 -7.53 32.43 -9.37
CA ARG B 95 -6.74 31.20 -9.45
C ARG B 95 -6.58 30.63 -8.05
N PHE B 96 -6.64 29.30 -7.96
CA PHE B 96 -6.38 28.61 -6.69
C PHE B 96 -5.05 29.05 -6.11
N ASP B 97 -5.02 29.22 -4.80
CA ASP B 97 -3.80 29.57 -4.07
C ASP B 97 -3.54 28.50 -3.02
N TYR B 98 -3.19 27.30 -3.47
CA TYR B 98 -2.83 26.22 -2.56
C TYR B 98 -1.61 26.62 -1.74
N SER B 99 -1.73 26.52 -0.42
CA SER B 99 -0.60 26.84 0.45
C SER B 99 0.38 25.67 0.51
N PRO B 100 1.63 25.93 0.90
CA PRO B 100 2.57 24.80 1.07
C PRO B 100 2.11 23.77 2.07
N GLU B 101 1.48 24.19 3.17
CA GLU B 101 0.98 23.24 4.15
C GLU B 101 -0.17 22.43 3.59
N PHE B 102 -1.06 23.07 2.82
CA PHE B 102 -2.13 22.33 2.17
C PHE B 102 -1.57 21.28 1.22
N LEU B 103 -0.52 21.63 0.47
CA LEU B 103 0.04 20.70 -0.50
C LEU B 103 0.64 19.48 0.18
N LEU B 104 1.33 19.68 1.31
CA LEU B 104 1.79 18.53 2.10
C LEU B 104 0.62 17.66 2.53
N TRP B 105 -0.49 18.29 2.94
CA TRP B 105 -1.67 17.54 3.35
C TRP B 105 -2.26 16.76 2.18
N ALA B 106 -2.33 17.38 1.01
CA ALA B 106 -2.93 16.72 -0.14
C ALA B 106 -2.01 15.70 -0.79
N LEU B 107 -0.69 15.89 -0.68
CA LEU B 107 0.25 15.09 -1.45
C LEU B 107 1.08 14.13 -0.61
N ARG B 108 0.98 14.16 0.72
CA ARG B 108 1.60 13.18 1.60
C ARG B 108 0.60 12.49 2.52
N PRO B 109 -0.47 11.89 1.99
CA PRO B 109 -1.31 11.04 2.81
C PRO B 109 -0.63 9.71 3.04
N PRO B 110 -1.17 8.85 3.91
CA PRO B 110 -0.56 7.54 4.12
C PRO B 110 -0.36 6.78 2.82
N GLY B 111 0.86 6.27 2.63
CA GLY B 111 1.21 5.53 1.43
C GLY B 111 1.76 6.36 0.30
N TRP B 112 1.98 7.66 0.50
CA TRP B 112 2.49 8.50 -0.57
C TRP B 112 3.89 8.05 -0.97
N LEU B 113 4.22 8.27 -2.25
CA LEU B 113 5.52 7.91 -2.79
C LEU B 113 6.15 9.14 -3.45
N PRO B 114 7.44 9.37 -3.24
CA PRO B 114 8.09 10.54 -3.86
C PRO B 114 8.12 10.45 -5.38
N GLN B 115 8.27 9.26 -5.96
CA GLN B 115 8.28 9.14 -7.41
C GLN B 115 6.93 9.52 -8.02
N TRP B 116 5.86 9.52 -7.24
CA TRP B 116 4.55 9.95 -7.69
C TRP B 116 4.33 11.45 -7.56
N HIS B 117 5.37 12.20 -7.21
CA HIS B 117 5.36 13.66 -7.29
C HIS B 117 6.20 14.03 -8.52
N CYS B 118 5.58 13.87 -9.69
CA CYS B 118 6.29 13.84 -10.96
C CYS B 118 6.35 15.24 -11.55
N GLY B 119 7.53 15.84 -11.51
CA GLY B 119 7.71 17.17 -12.06
C GLY B 119 8.49 17.20 -13.36
N VAL B 120 8.41 18.31 -14.08
CA VAL B 120 9.18 18.54 -15.29
C VAL B 120 10.01 19.80 -15.08
N ARG B 121 11.30 19.72 -15.38
CA ARG B 121 12.21 20.84 -15.20
C ARG B 121 12.92 21.17 -16.51
N VAL B 122 13.18 22.46 -16.72
CA VAL B 122 14.08 22.87 -17.79
C VAL B 122 15.45 22.29 -17.52
N VAL B 123 16.09 21.75 -18.56
CA VAL B 123 17.37 21.06 -18.33
C VAL B 123 18.44 22.05 -17.87
N SER B 124 18.53 23.20 -18.51
CA SER B 124 19.63 24.13 -18.25
C SER B 124 19.44 24.88 -16.94
N SER B 125 18.25 25.45 -16.72
CA SER B 125 17.99 26.24 -15.53
C SER B 125 17.36 25.44 -14.39
N ARG B 126 16.83 24.26 -14.69
CA ARG B 126 16.11 23.41 -13.73
C ARG B 126 14.89 24.12 -13.13
N LYS B 127 14.37 25.12 -13.85
CA LYS B 127 13.09 25.71 -13.49
C LYS B 127 11.98 24.67 -13.58
N LEU B 128 11.15 24.60 -12.55
CA LEU B 128 10.01 23.70 -12.54
C LEU B 128 8.93 24.26 -13.46
N VAL B 129 8.55 23.49 -14.48
CA VAL B 129 7.60 23.94 -15.48
C VAL B 129 6.44 22.99 -15.68
N GLY B 130 6.43 21.84 -15.00
CA GLY B 130 5.33 20.90 -15.13
C GLY B 130 5.23 20.01 -13.92
N PHE B 131 4.03 19.48 -13.70
CA PHE B 131 3.81 18.63 -12.54
C PHE B 131 2.57 17.78 -12.74
N ILE B 132 2.57 16.62 -12.10
CA ILE B 132 1.40 15.76 -11.95
C ILE B 132 1.69 14.84 -10.78
N SER B 133 0.63 14.44 -10.07
CA SER B 133 0.81 13.70 -8.84
C SER B 133 -0.17 12.54 -8.77
N ALA B 134 0.24 11.49 -8.06
CA ALA B 134 -0.61 10.36 -7.72
C ALA B 134 -0.46 10.06 -6.23
N ILE B 135 -1.57 9.79 -5.58
CA ILE B 135 -1.57 9.30 -4.20
C ILE B 135 -2.41 8.02 -4.17
N PRO B 136 -2.09 7.06 -3.31
CA PRO B 136 -2.87 5.82 -3.29
C PRO B 136 -4.20 6.00 -2.60
N ALA B 137 -5.18 5.22 -3.06
CA ALA B 137 -6.51 5.25 -2.46
C ALA B 137 -7.25 3.97 -2.83
N ASN B 138 -7.83 3.31 -1.82
CA ASN B 138 -8.77 2.24 -2.08
C ASN B 138 -10.12 2.85 -2.44
N ILE B 139 -10.65 2.45 -3.60
CA ILE B 139 -11.86 3.05 -4.15
C ILE B 139 -12.93 1.99 -4.27
N HIS B 140 -14.12 2.30 -3.77
CA HIS B 140 -15.29 1.46 -3.96
C HIS B 140 -16.07 1.99 -5.16
N ILE B 141 -16.19 1.16 -6.19
CA ILE B 141 -16.94 1.52 -7.39
C ILE B 141 -17.99 0.43 -7.62
N TYR B 142 -19.26 0.79 -7.45
CA TYR B 142 -20.37 -0.15 -7.48
C TYR B 142 -20.11 -1.31 -6.54
N ASP B 143 -19.94 -2.53 -7.07
CA ASP B 143 -19.75 -3.71 -6.24
C ASP B 143 -18.29 -4.16 -6.17
N THR B 144 -17.35 -3.31 -6.56
CA THR B 144 -15.94 -3.64 -6.57
C THR B 144 -15.16 -2.64 -5.70
N GLU B 145 -14.27 -3.17 -4.88
CA GLU B 145 -13.29 -2.38 -4.15
C GLU B 145 -11.92 -2.64 -4.75
N LYS B 146 -11.24 -1.57 -5.15
CA LYS B 146 -9.99 -1.67 -5.90
C LYS B 146 -8.99 -0.67 -5.35
N LYS B 147 -7.74 -1.12 -5.21
CA LYS B 147 -6.65 -0.20 -4.90
CA LYS B 147 -6.66 -0.19 -4.90
C LYS B 147 -6.32 0.63 -6.14
N MET B 148 -6.47 1.94 -6.04
CA MET B 148 -6.20 2.82 -7.17
C MET B 148 -5.27 3.94 -6.75
N VAL B 149 -5.06 4.90 -7.64
CA VAL B 149 -4.43 6.16 -7.30
C VAL B 149 -5.39 7.28 -7.65
N GLU B 150 -5.26 8.39 -6.94
CA GLU B 150 -5.94 9.63 -7.29
C GLU B 150 -4.94 10.56 -7.95
N ILE B 151 -5.27 11.00 -9.16
CA ILE B 151 -4.42 11.89 -9.93
C ILE B 151 -4.88 13.33 -9.70
N ASN B 152 -3.93 14.22 -9.45
CA ASN B 152 -4.26 15.59 -9.09
C ASN B 152 -3.12 16.51 -9.50
N PHE B 153 -3.45 17.80 -9.59
CA PHE B 153 -2.47 18.87 -9.77
C PHE B 153 -1.69 18.74 -11.07
N LEU B 154 -2.34 18.24 -12.13
CA LEU B 154 -1.75 18.31 -13.47
C LEU B 154 -1.61 19.77 -13.87
N CYS B 155 -0.38 20.18 -14.18
CA CYS B 155 -0.10 21.59 -14.40
C CYS B 155 1.09 21.75 -15.33
N VAL B 156 0.90 22.54 -16.37
CA VAL B 156 1.96 22.89 -17.32
C VAL B 156 2.10 24.41 -17.33
N HIS B 157 3.34 24.88 -17.25
CA HIS B 157 3.62 26.32 -17.25
C HIS B 157 2.96 27.00 -18.42
N LYS B 158 2.48 28.24 -18.19
CA LYS B 158 1.77 28.98 -19.23
C LYS B 158 2.62 29.11 -20.49
N LYS B 159 3.93 29.26 -20.33
CA LYS B 159 4.81 29.40 -21.48
C LYS B 159 5.04 28.08 -22.22
N LEU B 160 4.66 26.95 -21.61
CA LEU B 160 4.86 25.63 -22.20
C LEU B 160 3.56 25.01 -22.68
N ARG B 161 2.46 25.77 -22.64
CA ARG B 161 1.14 25.23 -22.97
C ARG B 161 1.04 24.85 -24.45
N SER B 162 0.11 23.94 -24.73
CA SER B 162 -0.26 23.55 -26.09
C SER B 162 0.92 23.00 -26.88
N LYS B 163 1.86 22.35 -26.18
CA LYS B 163 3.01 21.72 -26.82
C LYS B 163 3.08 20.23 -26.48
N ARG B 164 1.92 19.58 -26.32
N ARG B 164 1.91 19.63 -26.28
CA ARG B 164 1.85 18.12 -26.13
CA ARG B 164 1.72 18.20 -26.04
C ARG B 164 2.46 17.65 -24.81
C ARG B 164 2.55 17.70 -24.88
N VAL B 165 2.73 18.54 -23.86
CA VAL B 165 3.42 18.12 -22.64
C VAL B 165 2.47 17.39 -21.70
N ALA B 166 1.21 17.81 -21.65
CA ALA B 166 0.24 17.14 -20.77
C ALA B 166 0.08 15.66 -21.05
N PRO B 167 -0.02 15.19 -22.30
CA PRO B 167 -0.08 13.73 -22.50
C PRO B 167 1.17 13.00 -22.05
N VAL B 168 2.34 13.62 -22.13
CA VAL B 168 3.55 12.98 -21.64
C VAL B 168 3.50 12.83 -20.13
N LEU B 169 3.03 13.85 -19.43
CA LEU B 169 2.89 13.77 -17.98
C LEU B 169 1.93 12.66 -17.58
N ILE B 170 0.84 12.49 -18.32
CA ILE B 170 -0.13 11.46 -17.99
C ILE B 170 0.46 10.07 -18.21
N ARG B 171 1.18 9.89 -19.32
CA ARG B 171 1.79 8.59 -19.59
C ARG B 171 2.84 8.25 -18.54
N GLU B 172 3.62 9.24 -18.11
CA GLU B 172 4.73 8.96 -17.20
C GLU B 172 4.23 8.64 -15.80
N ILE B 173 3.21 9.36 -15.31
CA ILE B 173 2.63 8.98 -14.04
C ILE B 173 1.92 7.63 -14.16
N THR B 174 1.33 7.34 -15.32
CA THR B 174 0.75 6.03 -15.55
C THR B 174 1.82 4.95 -15.46
N ARG B 175 2.98 5.19 -16.08
CA ARG B 175 4.08 4.24 -16.03
C ARG B 175 4.56 4.04 -14.60
N ARG B 176 4.74 5.14 -13.85
CA ARG B 176 5.26 5.05 -12.50
C ARG B 176 4.27 4.37 -11.56
N VAL B 177 2.97 4.54 -11.80
CA VAL B 177 1.98 3.86 -10.97
C VAL B 177 1.94 2.37 -11.31
N HIS B 178 2.06 2.03 -12.61
CA HIS B 178 2.09 0.63 -13.01
C HIS B 178 3.23 -0.13 -12.33
N LEU B 179 4.38 0.53 -12.17
CA LEU B 179 5.51 -0.13 -11.53
C LEU B 179 5.18 -0.62 -10.13
N GLU B 180 4.25 0.05 -9.45
CA GLU B 180 3.82 -0.34 -8.11
C GLU B 180 2.63 -1.29 -8.14
N GLY B 181 2.28 -1.82 -9.31
CA GLY B 181 1.23 -2.83 -9.39
C GLY B 181 -0.18 -2.29 -9.34
N ILE B 182 -0.39 -1.04 -9.71
CA ILE B 182 -1.70 -0.41 -9.69
C ILE B 182 -2.08 -0.05 -11.12
N PHE B 183 -3.32 -0.38 -11.50
CA PHE B 183 -3.74 -0.26 -12.89
C PHE B 183 -5.06 0.46 -13.06
N GLN B 184 -5.60 1.07 -12.00
CA GLN B 184 -6.79 1.91 -12.09
C GLN B 184 -6.50 3.25 -11.42
N ALA B 185 -7.22 4.28 -11.87
CA ALA B 185 -7.05 5.61 -11.30
C ALA B 185 -8.39 6.35 -11.36
N VAL B 186 -8.59 7.25 -10.40
CA VAL B 186 -9.74 8.14 -10.37
C VAL B 186 -9.22 9.57 -10.42
N TYR B 187 -9.93 10.42 -11.15
CA TYR B 187 -9.50 11.81 -11.31
C TYR B 187 -10.70 12.66 -11.70
N THR B 188 -10.59 13.96 -11.44
CA THR B 188 -11.60 14.92 -11.81
C THR B 188 -11.02 15.95 -12.76
N ALA B 189 -11.91 16.68 -13.43
CA ALA B 189 -11.50 17.73 -14.37
C ALA B 189 -12.71 18.61 -14.65
N GLY B 190 -12.44 19.89 -14.89
CA GLY B 190 -13.49 20.81 -15.28
C GLY B 190 -13.89 20.73 -16.73
N VAL B 191 -13.11 20.03 -17.54
CA VAL B 191 -13.40 19.86 -18.96
C VAL B 191 -13.89 18.44 -19.19
N VAL B 192 -14.57 18.25 -20.31
CA VAL B 192 -15.14 16.94 -20.63
C VAL B 192 -14.14 16.14 -21.45
N LEU B 193 -13.86 14.93 -20.99
CA LEU B 193 -12.95 13.99 -21.63
C LEU B 193 -13.67 12.65 -21.75
N PRO B 194 -13.15 11.72 -22.56
CA PRO B 194 -13.69 10.36 -22.49
C PRO B 194 -13.20 9.66 -21.23
N LYS B 195 -14.09 9.21 -20.34
CA LYS B 195 -15.51 9.52 -20.37
C LYS B 195 -16.00 9.64 -18.93
N PRO B 196 -16.79 10.67 -18.65
CA PRO B 196 -17.22 10.93 -17.26
C PRO B 196 -17.98 9.75 -16.68
N VAL B 197 -17.57 9.33 -15.48
CA VAL B 197 -18.37 8.41 -14.69
C VAL B 197 -19.51 9.14 -14.01
N GLY B 198 -19.40 10.45 -13.86
CA GLY B 198 -20.44 11.26 -13.25
C GLY B 198 -20.12 12.72 -13.42
N THR B 199 -21.14 13.57 -13.43
CA THR B 199 -20.97 15.01 -13.58
C THR B 199 -21.57 15.70 -12.37
N CYS B 200 -20.73 16.44 -11.65
CA CYS B 200 -21.16 17.23 -10.50
C CYS B 200 -21.03 18.72 -10.83
N ARG B 201 -21.78 19.52 -10.08
CA ARG B 201 -21.84 20.96 -10.29
C ARG B 201 -21.53 21.66 -8.98
N TYR B 202 -20.69 22.69 -9.04
CA TYR B 202 -20.35 23.46 -7.86
C TYR B 202 -21.45 24.47 -7.54
N TRP B 203 -21.70 24.65 -6.25
CA TRP B 203 -22.60 25.67 -5.75
C TRP B 203 -21.83 26.53 -4.75
N HIS B 204 -22.31 27.77 -4.55
CA HIS B 204 -21.60 28.76 -3.76
C HIS B 204 -22.54 29.42 -2.78
N ARG B 205 -22.12 29.52 -1.52
CA ARG B 205 -22.89 30.17 -0.47
C ARG B 205 -22.11 31.39 0.00
N SER B 206 -22.60 32.58 -0.36
CA SER B 206 -21.97 33.81 0.08
C SER B 206 -21.97 33.90 1.60
N LEU B 207 -20.82 34.22 2.18
CA LEU B 207 -20.68 34.51 3.59
C LEU B 207 -20.30 35.97 3.84
N ASN B 208 -19.45 36.52 2.97
CA ASN B 208 -19.08 37.93 2.99
C ASN B 208 -19.46 38.52 1.64
N PRO B 209 -20.76 38.74 1.41
CA PRO B 209 -21.20 39.12 0.05
C PRO B 209 -20.68 40.48 -0.39
N ARG B 210 -20.41 41.39 0.55
CA ARG B 210 -19.84 42.68 0.18
C ARG B 210 -18.50 42.51 -0.51
N LYS B 211 -17.62 41.67 0.05
CA LYS B 211 -16.32 41.44 -0.56
C LYS B 211 -16.45 40.66 -1.87
N LEU B 212 -17.32 39.64 -1.88
CA LEU B 212 -17.50 38.85 -3.10
C LEU B 212 -17.94 39.73 -4.27
N ILE B 213 -18.78 40.73 -4.00
CA ILE B 213 -19.23 41.61 -5.07
C ILE B 213 -18.14 42.61 -5.45
N GLU B 214 -17.37 43.08 -4.47
CA GLU B 214 -16.32 44.04 -4.75
C GLU B 214 -15.26 43.45 -5.69
N VAL B 215 -14.92 42.18 -5.51
CA VAL B 215 -13.89 41.54 -6.31
C VAL B 215 -14.51 40.82 -7.49
N LYS B 216 -15.82 41.03 -7.70
CA LYS B 216 -16.55 40.48 -8.84
C LYS B 216 -16.56 38.96 -8.85
N PHE B 217 -16.43 38.33 -7.69
CA PHE B 217 -16.71 36.90 -7.59
C PHE B 217 -18.20 36.64 -7.77
N SER B 218 -19.04 37.48 -7.16
CA SER B 218 -20.48 37.48 -7.36
C SER B 218 -20.90 38.88 -7.79
N HIS B 219 -22.15 39.01 -8.21
CA HIS B 219 -22.68 40.30 -8.64
C HIS B 219 -24.01 40.55 -7.95
N LEU B 220 -24.23 41.81 -7.57
CA LEU B 220 -25.49 42.26 -7.00
C LEU B 220 -26.64 41.84 -7.91
N SER B 221 -27.43 40.85 -7.48
CA SER B 221 -28.49 40.31 -8.32
C SER B 221 -29.50 41.38 -8.68
N ARG B 222 -30.20 41.18 -9.80
CA ARG B 222 -31.06 42.20 -10.37
C ARG B 222 -32.55 42.13 -10.02
N ASN B 223 -33.00 43.07 -9.19
CA ASN B 223 -32.10 44.02 -8.58
C ASN B 223 -32.32 44.05 -7.08
N MET B 224 -31.23 43.82 -6.34
CA MET B 224 -31.18 43.97 -4.90
C MET B 224 -30.23 45.11 -4.55
N THR B 225 -30.44 45.73 -3.40
CA THR B 225 -29.42 46.63 -2.89
C THR B 225 -28.31 45.81 -2.23
N MET B 226 -27.20 46.49 -1.94
CA MET B 226 -26.13 45.85 -1.19
C MET B 226 -26.59 45.54 0.24
N GLN B 227 -27.28 46.47 0.88
CA GLN B 227 -27.81 46.23 2.21
C GLN B 227 -28.80 45.08 2.20
N ARG B 228 -29.60 44.97 1.14
CA ARG B 228 -30.53 43.86 1.00
C ARG B 228 -29.81 42.52 0.86
N THR B 229 -28.64 42.52 0.22
CA THR B 229 -27.92 41.27 0.00
C THR B 229 -27.32 40.73 1.29
N MET B 230 -26.74 41.61 2.11
CA MET B 230 -26.18 41.16 3.39
C MET B 230 -27.27 40.62 4.31
N LYS B 231 -28.43 41.28 4.35
CA LYS B 231 -29.54 40.80 5.14
C LYS B 231 -29.93 39.39 4.73
N LEU B 232 -30.03 39.16 3.42
CA LEU B 232 -30.41 37.83 2.92
C LEU B 232 -29.43 36.76 3.35
N TYR B 233 -28.14 37.07 3.34
CA TYR B 233 -27.10 36.10 3.63
C TYR B 233 -26.62 36.15 5.08
N ARG B 234 -27.25 36.96 5.92
CA ARG B 234 -26.79 37.05 7.31
C ARG B 234 -26.97 35.71 8.01
N LEU B 235 -25.96 35.35 8.81
CA LEU B 235 -25.94 34.09 9.54
C LEU B 235 -25.82 34.37 11.04
N PRO B 236 -26.34 33.46 11.87
CA PRO B 236 -26.11 33.60 13.31
C PRO B 236 -24.63 33.55 13.64
N GLU B 237 -24.29 34.11 14.80
CA GLU B 237 -22.89 34.15 15.24
C GLU B 237 -22.43 32.85 15.88
N THR B 238 -23.35 31.95 16.23
CA THR B 238 -23.01 30.70 16.91
C THR B 238 -23.86 29.57 16.36
N PRO B 239 -23.30 28.36 16.25
CA PRO B 239 -24.06 27.24 15.71
C PRO B 239 -25.20 26.82 16.62
N LYS B 240 -26.16 26.10 16.04
CA LYS B 240 -27.38 25.73 16.74
C LYS B 240 -27.33 24.32 17.32
N THR B 241 -26.57 23.41 16.71
CA THR B 241 -26.61 22.01 17.12
C THR B 241 -25.96 21.81 18.48
N ALA B 242 -26.65 21.09 19.35
CA ALA B 242 -26.13 20.74 20.67
C ALA B 242 -24.94 19.81 20.55
N GLY B 243 -23.87 20.11 21.28
CA GLY B 243 -22.73 19.23 21.36
C GLY B 243 -21.72 19.38 20.24
N LEU B 244 -21.85 20.40 19.40
CA LEU B 244 -20.90 20.59 18.31
C LEU B 244 -19.57 21.07 18.87
N ARG B 245 -18.50 20.38 18.50
CA ARG B 245 -17.16 20.73 18.97
C ARG B 245 -16.14 20.26 17.92
N PRO B 246 -14.94 20.84 17.92
CA PRO B 246 -13.90 20.37 16.99
C PRO B 246 -13.56 18.91 17.23
N MET B 247 -13.26 18.21 16.14
CA MET B 247 -12.80 16.83 16.24
C MET B 247 -11.50 16.76 17.03
N GLU B 248 -11.39 15.73 17.86
CA GLU B 248 -10.18 15.49 18.64
C GLU B 248 -9.64 14.10 18.31
N THR B 249 -8.45 13.82 18.85
CA THR B 249 -7.80 12.53 18.62
C THR B 249 -8.71 11.37 19.02
N LYS B 250 -9.41 11.50 20.14
CA LYS B 250 -10.29 10.44 20.62
C LYS B 250 -11.44 10.16 19.65
N ASP B 251 -11.75 11.10 18.76
CA ASP B 251 -12.85 10.93 17.82
C ASP B 251 -12.47 10.20 16.54
N ILE B 252 -11.18 9.92 16.34
CA ILE B 252 -10.75 9.26 15.11
C ILE B 252 -11.49 7.96 14.85
N PRO B 253 -11.59 7.02 15.81
CA PRO B 253 -12.29 5.77 15.50
C PRO B 253 -13.76 5.95 15.16
N VAL B 254 -14.49 6.78 15.91
CA VAL B 254 -15.92 6.92 15.66
C VAL B 254 -16.16 7.68 14.37
N VAL B 255 -15.30 8.66 14.05
CA VAL B 255 -15.40 9.35 12.76
C VAL B 255 -15.17 8.36 11.62
N HIS B 256 -14.18 7.47 11.78
CA HIS B 256 -13.96 6.43 10.80
C HIS B 256 -15.17 5.52 10.66
N GLN B 257 -15.75 5.11 11.79
CA GLN B 257 -16.92 4.25 11.74
C GLN B 257 -18.11 4.95 11.08
N LEU B 258 -18.38 6.20 11.48
CA LEU B 258 -19.49 6.94 10.90
C LEU B 258 -19.33 7.11 9.40
N LEU B 259 -18.11 7.45 8.95
CA LEU B 259 -17.89 7.67 7.52
C LEU B 259 -18.05 6.39 6.73
N THR B 260 -17.45 5.30 7.21
CA THR B 260 -17.53 4.03 6.48
C THR B 260 -18.96 3.58 6.29
N ARG B 261 -19.78 3.68 7.34
CA ARG B 261 -21.17 3.27 7.22
C ARG B 261 -21.95 4.22 6.33
N TYR B 262 -21.69 5.53 6.44
CA TYR B 262 -22.46 6.49 5.67
C TYR B 262 -22.19 6.37 4.18
N LEU B 263 -20.96 6.04 3.80
CA LEU B 263 -20.58 6.04 2.40
C LEU B 263 -21.12 4.84 1.62
N LYS B 264 -21.63 3.81 2.29
CA LYS B 264 -22.07 2.62 1.59
C LYS B 264 -23.26 2.88 0.66
N GLN B 265 -24.02 3.96 0.90
CA GLN B 265 -25.20 4.25 0.08
C GLN B 265 -24.84 4.81 -1.29
N PHE B 266 -23.61 5.22 -1.50
CA PHE B 266 -23.18 5.80 -2.77
C PHE B 266 -22.42 4.77 -3.59
N HIS B 267 -22.17 5.11 -4.86
CA HIS B 267 -21.58 4.17 -5.81
C HIS B 267 -20.12 4.42 -6.11
N LEU B 268 -19.60 5.60 -5.82
CA LEU B 268 -18.18 5.92 -6.01
C LEU B 268 -17.71 6.59 -4.71
N THR B 269 -16.99 5.85 -3.88
CA THR B 269 -16.58 6.33 -2.57
C THR B 269 -15.16 5.89 -2.28
N PRO B 270 -14.47 6.56 -1.37
CA PRO B 270 -13.20 6.04 -0.87
C PRO B 270 -13.43 5.05 0.25
N VAL B 271 -12.50 4.12 0.38
CA VAL B 271 -12.46 3.19 1.51
C VAL B 271 -11.23 3.55 2.34
N MET B 272 -11.46 4.20 3.48
CA MET B 272 -10.40 4.79 4.26
C MET B 272 -10.04 3.90 5.44
N SER B 273 -8.75 3.71 5.67
CA SER B 273 -8.28 3.15 6.92
C SER B 273 -8.43 4.18 8.04
N GLN B 274 -8.28 3.72 9.28
CA GLN B 274 -8.34 4.65 10.40
C GLN B 274 -7.21 5.66 10.35
N GLU B 275 -6.04 5.25 9.83
CA GLU B 275 -4.94 6.19 9.67
C GLU B 275 -5.23 7.21 8.57
N GLU B 276 -5.92 6.79 7.51
CA GLU B 276 -6.31 7.73 6.47
C GLU B 276 -7.37 8.70 6.97
N VAL B 277 -8.28 8.21 7.83
CA VAL B 277 -9.27 9.10 8.41
C VAL B 277 -8.60 10.16 9.27
N GLU B 278 -7.59 9.77 10.05
CA GLU B 278 -6.83 10.75 10.83
C GLU B 278 -6.21 11.80 9.92
N HIS B 279 -5.56 11.36 8.83
CA HIS B 279 -4.89 12.32 7.96
C HIS B 279 -5.87 13.28 7.31
N TRP B 280 -7.01 12.77 6.83
CA TRP B 280 -7.89 13.59 6.02
C TRP B 280 -8.84 14.46 6.85
N PHE B 281 -9.07 14.13 8.13
CA PHE B 281 -10.06 14.84 8.91
C PHE B 281 -9.55 15.51 10.17
N TYR B 282 -8.46 15.04 10.76
CA TYR B 282 -7.97 15.68 11.98
C TYR B 282 -7.64 17.14 11.70
N PRO B 283 -8.18 18.09 12.46
CA PRO B 283 -8.11 19.49 12.07
C PRO B 283 -6.69 20.02 12.01
N GLN B 284 -6.41 20.78 10.96
CA GLN B 284 -5.19 21.56 10.81
C GLN B 284 -5.61 22.96 10.38
N GLU B 285 -5.22 23.97 11.16
CA GLU B 285 -5.69 25.33 10.90
C GLU B 285 -5.30 25.77 9.49
N ASN B 286 -6.26 26.38 8.81
CA ASN B 286 -6.12 26.88 7.43
C ASN B 286 -5.92 25.76 6.42
N ILE B 287 -6.32 24.53 6.75
CA ILE B 287 -6.23 23.41 5.82
C ILE B 287 -7.54 22.63 5.84
N ILE B 288 -7.84 21.98 6.96
CA ILE B 288 -9.02 21.14 7.09
C ILE B 288 -9.65 21.37 8.46
N ASP B 289 -10.97 21.53 8.47
CA ASP B 289 -11.73 21.68 9.70
C ASP B 289 -12.74 20.53 9.80
N THR B 290 -12.81 19.91 10.98
CA THR B 290 -13.80 18.88 11.24
C THR B 290 -14.43 19.14 12.60
N PHE B 291 -15.76 19.18 12.64
CA PHE B 291 -16.51 19.35 13.86
C PHE B 291 -17.44 18.16 14.04
N VAL B 292 -17.43 17.58 15.24
CA VAL B 292 -18.26 16.43 15.54
C VAL B 292 -19.41 16.88 16.43
N VAL B 293 -20.48 16.08 16.43
CA VAL B 293 -21.62 16.28 17.31
C VAL B 293 -21.55 15.22 18.41
N GLU B 294 -21.20 15.63 19.62
CA GLU B 294 -21.22 14.75 20.78
C GLU B 294 -22.47 15.05 21.60
N ASN B 295 -23.36 14.08 21.69
CA ASN B 295 -24.69 14.32 22.25
C ASN B 295 -24.66 14.26 23.78
N ALA B 296 -25.85 14.28 24.38
CA ALA B 296 -25.97 14.29 25.84
C ALA B 296 -25.48 13.00 26.48
N ASN B 297 -25.39 11.92 25.71
CA ASN B 297 -24.86 10.66 26.21
C ASN B 297 -23.35 10.55 26.05
N GLY B 298 -22.72 11.53 25.43
CA GLY B 298 -21.30 11.42 25.11
C GLY B 298 -21.01 10.72 23.81
N GLU B 299 -22.04 10.40 23.02
CA GLU B 299 -21.87 9.69 21.76
C GLU B 299 -21.66 10.70 20.64
N VAL B 300 -20.65 10.46 19.82
CA VAL B 300 -20.47 11.21 18.58
C VAL B 300 -21.38 10.60 17.52
N THR B 301 -22.35 11.38 17.03
CA THR B 301 -23.36 10.87 16.12
C THR B 301 -23.33 11.52 14.74
N ASP B 302 -22.66 12.67 14.59
CA ASP B 302 -22.56 13.35 13.30
C ASP B 302 -21.22 14.07 13.25
N PHE B 303 -20.79 14.39 12.02
CA PHE B 303 -19.66 15.30 11.88
C PHE B 303 -19.75 16.01 10.53
N LEU B 304 -19.17 17.21 10.50
CA LEU B 304 -19.07 18.02 9.30
C LEU B 304 -17.60 18.36 9.06
N SER B 305 -17.26 18.59 7.80
CA SER B 305 -15.88 18.94 7.48
C SER B 305 -15.85 19.78 6.21
N PHE B 306 -14.91 20.71 6.18
CA PHE B 306 -14.65 21.52 5.00
C PHE B 306 -13.17 21.88 4.99
N TYR B 307 -12.60 22.00 3.80
CA TYR B 307 -11.19 22.34 3.70
C TYR B 307 -11.00 23.76 3.15
N THR B 308 -9.82 24.30 3.43
CA THR B 308 -9.49 25.70 3.14
C THR B 308 -8.72 25.78 1.83
N LEU B 309 -9.26 26.53 0.87
CA LEU B 309 -8.57 26.78 -0.40
C LEU B 309 -8.78 28.24 -0.79
N PRO B 310 -7.83 29.11 -0.48
CA PRO B 310 -7.94 30.50 -0.88
C PRO B 310 -7.62 30.66 -2.36
N SER B 311 -7.96 31.82 -2.90
CA SER B 311 -7.78 32.04 -4.32
C SER B 311 -7.27 33.44 -4.61
N THR B 312 -6.24 33.51 -5.46
CA THR B 312 -5.68 34.78 -5.88
C THR B 312 -6.68 35.53 -6.76
N ILE B 313 -6.80 36.84 -6.51
CA ILE B 313 -7.61 37.71 -7.35
C ILE B 313 -6.68 38.24 -8.43
N MET B 314 -6.80 37.69 -9.64
CA MET B 314 -5.77 37.87 -10.66
C MET B 314 -5.71 39.31 -11.19
N ASN B 315 -6.82 40.05 -11.14
CA ASN B 315 -6.83 41.41 -11.65
C ASN B 315 -6.34 42.43 -10.62
N HIS B 316 -6.00 41.98 -9.42
CA HIS B 316 -5.03 42.61 -8.56
C HIS B 316 -4.11 41.44 -8.26
N PRO B 317 -3.27 41.54 -7.23
CA PRO B 317 -3.31 40.63 -6.11
C PRO B 317 -2.64 41.27 -4.90
N THR B 318 -2.56 42.59 -4.90
CA THR B 318 -2.36 43.31 -3.64
C THR B 318 -3.48 42.98 -2.68
N HIS B 319 -4.72 42.94 -3.19
CA HIS B 319 -5.87 42.54 -2.39
C HIS B 319 -5.66 41.15 -1.81
N LYS B 320 -6.00 40.98 -0.53
CA LYS B 320 -5.85 39.69 0.13
C LYS B 320 -6.71 38.63 -0.54
N SER B 321 -6.29 37.37 -0.40
CA SER B 321 -6.92 36.26 -1.11
C SER B 321 -8.42 36.22 -0.87
N LEU B 322 -9.15 35.75 -1.88
CA LEU B 322 -10.52 35.30 -1.68
C LEU B 322 -10.49 33.98 -0.91
N LYS B 323 -11.04 33.99 0.29
CA LYS B 323 -10.94 32.85 1.20
C LYS B 323 -12.17 31.97 1.04
N ALA B 324 -11.97 30.77 0.50
CA ALA B 324 -13.06 29.84 0.21
C ALA B 324 -12.92 28.59 1.08
N ALA B 325 -14.05 28.13 1.60
CA ALA B 325 -14.16 26.84 2.27
C ALA B 325 -14.90 25.88 1.35
N TYR B 326 -14.39 24.65 1.25
CA TYR B 326 -14.97 23.63 0.38
C TYR B 326 -15.50 22.49 1.23
N SER B 327 -16.81 22.23 1.10
CA SER B 327 -17.42 21.10 1.77
C SER B 327 -16.67 19.82 1.45
N PHE B 328 -16.38 19.03 2.49
CA PHE B 328 -15.58 17.82 2.34
C PHE B 328 -16.51 16.63 2.50
N TYR B 329 -16.58 16.00 3.68
CA TYR B 329 -17.49 14.90 3.94
C TYR B 329 -18.36 15.25 5.14
N ASN B 330 -19.66 15.04 5.01
CA ASN B 330 -20.63 15.41 6.05
C ASN B 330 -21.49 14.20 6.33
N VAL B 331 -21.38 13.65 7.54
CA VAL B 331 -22.08 12.44 7.94
C VAL B 331 -23.12 12.80 8.99
N HIS B 332 -24.35 12.36 8.77
CA HIS B 332 -25.44 12.60 9.70
C HIS B 332 -26.13 11.28 10.01
N THR B 333 -26.32 10.99 11.29
CA THR B 333 -27.14 9.88 11.74
C THR B 333 -28.21 10.28 12.74
N GLN B 334 -28.02 11.39 13.45
CA GLN B 334 -29.00 11.91 14.40
C GLN B 334 -29.33 13.37 14.15
N THR B 335 -28.34 14.20 13.81
CA THR B 335 -28.61 15.59 13.45
C THR B 335 -29.08 15.65 12.01
N PRO B 336 -30.16 16.38 11.71
CA PRO B 336 -30.56 16.54 10.31
C PRO B 336 -29.47 17.21 9.50
N LEU B 337 -29.27 16.71 8.27
CA LEU B 337 -28.21 17.23 7.42
C LEU B 337 -28.36 18.73 7.20
N LEU B 338 -29.60 19.21 7.11
CA LEU B 338 -29.83 20.65 6.95
C LEU B 338 -29.29 21.44 8.13
N ASP B 339 -29.48 20.94 9.35
CA ASP B 339 -28.93 21.60 10.53
C ASP B 339 -27.41 21.52 10.54
N LEU B 340 -26.85 20.36 10.18
CA LEU B 340 -25.39 20.20 10.14
C LEU B 340 -24.75 21.21 9.20
N MET B 341 -25.28 21.34 7.99
CA MET B 341 -24.68 22.23 7.00
C MET B 341 -24.90 23.69 7.37
N SER B 342 -26.03 24.02 8.00
CA SER B 342 -26.24 25.39 8.46
C SER B 342 -25.19 25.78 9.49
N ASP B 343 -24.82 24.85 10.37
CA ASP B 343 -23.75 25.12 11.32
C ASP B 343 -22.40 25.24 10.62
N ALA B 344 -22.18 24.43 9.58
CA ALA B 344 -20.95 24.55 8.81
C ALA B 344 -20.78 25.94 8.24
N LEU B 345 -21.87 26.51 7.70
CA LEU B 345 -21.83 27.89 7.21
C LEU B 345 -21.47 28.85 8.34
N VAL B 346 -22.11 28.69 9.50
CA VAL B 346 -21.84 29.56 10.63
C VAL B 346 -20.38 29.45 11.05
N LEU B 347 -19.86 28.22 11.14
CA LEU B 347 -18.47 28.02 11.53
C LEU B 347 -17.51 28.64 10.53
N ALA B 348 -17.76 28.43 9.23
CA ALA B 348 -16.92 29.03 8.21
C ALA B 348 -16.97 30.55 8.26
N LYS B 349 -18.17 31.11 8.47
CA LYS B 349 -18.29 32.56 8.63
C LYS B 349 -17.50 33.05 9.84
N MET B 350 -17.61 32.33 10.97
CA MET B 350 -16.83 32.68 12.15
C MET B 350 -15.34 32.69 11.85
N LYS B 351 -14.86 31.70 11.11
CA LYS B 351 -13.44 31.56 10.82
C LYS B 351 -12.97 32.48 9.69
N GLY B 352 -13.83 33.35 9.19
CA GLY B 352 -13.42 34.38 8.26
C GLY B 352 -13.45 34.00 6.79
N PHE B 353 -14.10 32.90 6.44
CA PHE B 353 -14.27 32.57 5.03
C PHE B 353 -15.25 33.52 4.37
N ASP B 354 -14.99 33.83 3.09
CA ASP B 354 -15.88 34.71 2.35
C ASP B 354 -16.95 33.96 1.58
N VAL B 355 -16.70 32.70 1.23
CA VAL B 355 -17.67 31.90 0.47
C VAL B 355 -17.53 30.46 0.91
N PHE B 356 -18.64 29.72 0.87
CA PHE B 356 -18.69 28.31 1.20
C PHE B 356 -19.10 27.54 -0.05
N ASN B 357 -18.22 26.69 -0.56
CA ASN B 357 -18.45 25.95 -1.78
C ASN B 357 -18.82 24.51 -1.47
N ALA B 358 -19.69 23.94 -2.32
CA ALA B 358 -20.10 22.55 -2.18
C ALA B 358 -20.57 22.05 -3.54
N LEU B 359 -20.27 20.79 -3.82
CA LEU B 359 -20.79 20.14 -5.02
C LEU B 359 -22.20 19.63 -4.78
N ASP B 360 -22.88 19.24 -5.87
CA ASP B 360 -24.20 18.64 -5.77
C ASP B 360 -24.17 17.12 -5.67
N LEU B 361 -23.06 16.56 -5.18
CA LEU B 361 -22.94 15.13 -5.01
C LEU B 361 -23.51 14.70 -3.65
N MET B 362 -23.46 13.40 -3.39
CA MET B 362 -23.99 12.78 -2.17
C MET B 362 -25.42 13.29 -1.97
N GLU B 363 -25.81 13.72 -0.76
CA GLU B 363 -27.15 14.24 -0.52
C GLU B 363 -27.20 15.75 -0.54
N ASN B 364 -26.22 16.41 -1.16
CA ASN B 364 -26.07 17.85 -1.01
C ASN B 364 -27.24 18.61 -1.63
N LYS B 365 -27.89 18.05 -2.64
CA LYS B 365 -29.03 18.73 -3.25
C LYS B 365 -30.17 18.97 -2.27
N THR B 366 -30.24 18.19 -1.19
CA THR B 366 -31.32 18.37 -0.22
C THR B 366 -31.17 19.66 0.58
N PHE B 367 -29.99 20.28 0.59
CA PHE B 367 -29.79 21.50 1.36
C PHE B 367 -29.27 22.69 0.57
N LEU B 368 -28.81 22.50 -0.68
CA LEU B 368 -28.14 23.58 -1.40
C LEU B 368 -29.05 24.80 -1.55
N GLU B 369 -30.22 24.60 -2.15
CA GLU B 369 -31.12 25.73 -2.36
C GLU B 369 -31.69 26.25 -1.04
N LYS B 370 -32.06 25.35 -0.12
CA LYS B 370 -32.67 25.78 1.13
C LYS B 370 -31.72 26.67 1.94
N LEU B 371 -30.42 26.38 1.88
CA LEU B 371 -29.42 27.16 2.60
C LEU B 371 -28.84 28.29 1.75
N LYS B 372 -29.45 28.58 0.59
CA LYS B 372 -29.16 29.76 -0.23
C LYS B 372 -27.82 29.65 -0.96
N PHE B 373 -27.43 28.44 -1.33
CA PHE B 373 -26.36 28.28 -2.30
C PHE B 373 -26.84 28.74 -3.67
N GLY B 374 -25.96 29.42 -4.41
CA GLY B 374 -26.21 29.76 -5.79
C GLY B 374 -25.40 28.84 -6.69
N ILE B 375 -26.01 28.40 -7.79
CA ILE B 375 -25.35 27.46 -8.68
C ILE B 375 -24.18 28.14 -9.37
N GLY B 376 -23.07 27.40 -9.50
CA GLY B 376 -21.89 27.92 -10.15
C GLY B 376 -21.87 27.64 -11.63
N ASP B 377 -20.86 28.22 -12.28
CA ASP B 377 -20.67 28.04 -13.71
C ASP B 377 -19.75 26.87 -14.05
N GLY B 378 -19.17 26.21 -13.05
CA GLY B 378 -18.24 25.14 -13.32
C GLY B 378 -18.72 23.74 -12.99
N ASN B 379 -18.65 22.84 -13.97
CA ASN B 379 -18.92 21.43 -13.73
C ASN B 379 -17.64 20.72 -13.30
N LEU B 380 -17.77 19.73 -12.43
CA LEU B 380 -16.66 18.88 -12.05
C LEU B 380 -16.97 17.47 -12.54
N GLN B 381 -16.25 17.03 -13.57
CA GLN B 381 -16.43 15.70 -14.13
C GLN B 381 -15.56 14.70 -13.38
N TYR B 382 -16.14 13.56 -13.05
CA TYR B 382 -15.41 12.47 -12.40
C TYR B 382 -15.06 11.40 -13.43
N TYR B 383 -13.86 10.85 -13.30
CA TYR B 383 -13.37 9.88 -14.28
C TYR B 383 -12.67 8.72 -13.58
N LEU B 384 -12.73 7.56 -14.23
CA LEU B 384 -11.94 6.40 -13.87
C LEU B 384 -11.06 6.01 -15.05
N TYR B 385 -9.81 5.67 -14.75
CA TYR B 385 -8.86 5.22 -15.76
C TYR B 385 -8.79 3.69 -15.73
N ASN B 386 -9.00 3.06 -16.89
CA ASN B 386 -8.94 1.61 -17.04
C ASN B 386 -9.99 0.91 -16.18
N TRP B 387 -11.19 1.49 -16.12
CA TRP B 387 -12.31 0.81 -15.47
C TRP B 387 -13.59 1.21 -16.20
N LYS B 388 -14.23 0.23 -16.85
CA LYS B 388 -15.48 0.45 -17.53
C LYS B 388 -16.64 0.14 -16.59
N CYS B 389 -17.55 1.08 -16.44
CA CYS B 389 -18.71 0.92 -15.57
C CYS B 389 -19.76 1.93 -16.00
N PRO B 390 -21.03 1.70 -15.65
CA PRO B 390 -22.07 2.68 -15.99
C PRO B 390 -21.82 4.00 -15.28
N SER B 391 -22.22 5.09 -15.95
CA SER B 391 -22.20 6.39 -15.30
C SER B 391 -23.26 6.43 -14.19
N MET B 392 -23.15 7.45 -13.34
CA MET B 392 -24.06 7.60 -12.22
C MET B 392 -24.44 9.06 -12.08
N GLY B 393 -25.60 9.29 -11.47
CA GLY B 393 -26.00 10.64 -11.13
C GLY B 393 -25.09 11.23 -10.06
N ALA B 394 -25.10 12.57 -9.98
CA ALA B 394 -24.24 13.25 -9.01
C ALA B 394 -24.53 12.78 -7.59
N GLU B 395 -25.80 12.54 -7.26
CA GLU B 395 -26.17 12.14 -5.92
C GLU B 395 -25.67 10.74 -5.55
N LYS B 396 -25.16 9.98 -6.51
CA LYS B 396 -24.53 8.70 -6.21
C LYS B 396 -23.01 8.81 -6.11
N VAL B 397 -22.43 9.96 -6.42
CA VAL B 397 -21.01 10.18 -6.25
C VAL B 397 -20.74 10.50 -4.79
N GLY B 398 -19.87 9.72 -4.16
CA GLY B 398 -19.52 9.94 -2.77
C GLY B 398 -18.04 10.08 -2.54
N LEU B 399 -17.38 10.86 -3.40
CA LEU B 399 -15.93 11.04 -3.36
C LEU B 399 -15.61 12.51 -3.59
N VAL B 400 -14.78 13.07 -2.72
CA VAL B 400 -14.35 14.46 -2.82
C VAL B 400 -12.83 14.49 -2.83
N LEU B 401 -12.25 15.17 -3.82
CA LEU B 401 -10.82 15.33 -3.95
C LEU B 401 -10.43 16.78 -3.67
N GLN B 402 -9.14 16.99 -3.43
CA GLN B 402 -8.63 18.31 -3.10
C GLN B 402 -8.41 19.15 -4.36
N GLY C 1 7.29 -16.79 11.61
CA GLY C 1 8.74 -17.01 11.51
C GLY C 1 9.01 -18.37 10.88
N GLY C 2 10.28 -18.69 10.74
CA GLY C 2 10.66 -19.91 10.08
C GLY C 2 10.84 -21.12 10.98
N CYS C 3 11.38 -22.18 10.39
CA CYS C 3 11.62 -23.44 11.08
C CYS C 3 13.00 -23.93 10.67
N PHE C 4 13.84 -24.24 11.64
CA PHE C 4 15.15 -24.81 11.36
C PHE C 4 15.01 -26.32 11.27
N SER C 5 15.25 -26.86 10.08
CA SER C 5 15.23 -28.29 9.84
C SER C 5 16.64 -28.79 9.61
N LYS C 6 16.82 -30.09 9.82
CA LYS C 6 18.05 -30.80 9.49
C LYS C 6 17.65 -32.21 9.07
N PRO C 7 18.48 -32.89 8.28
CA PRO C 7 18.03 -34.16 7.70
C PRO C 7 17.70 -35.18 8.78
N LYS C 8 16.59 -35.88 8.58
CA LYS C 8 16.19 -36.95 9.49
C LYS C 8 17.29 -38.01 9.57
N GLY D 1 -7.35 17.14 -11.73
CA GLY D 1 -7.21 18.27 -10.81
C GLY D 1 -8.57 18.96 -10.68
N GLY D 2 -8.53 20.21 -10.21
CA GLY D 2 -9.74 20.92 -9.89
C GLY D 2 -10.37 21.75 -10.99
N CYS D 3 -11.49 22.38 -10.65
CA CYS D 3 -12.16 23.33 -11.51
C CYS D 3 -12.61 24.49 -10.65
N PHE D 4 -12.26 25.71 -11.05
CA PHE D 4 -12.64 26.90 -10.29
C PHE D 4 -14.01 27.36 -10.77
N SER D 5 -14.99 27.31 -9.88
CA SER D 5 -16.34 27.76 -10.18
C SER D 5 -16.64 29.04 -9.41
N LYS D 6 -17.51 29.85 -9.98
CA LYS D 6 -18.08 31.01 -9.33
C LYS D 6 -19.53 31.13 -9.79
N PRO D 7 -20.38 31.80 -9.01
CA PRO D 7 -21.82 31.77 -9.30
C PRO D 7 -22.17 32.37 -10.66
N LYS D 8 -23.09 31.72 -11.36
CA LYS D 8 -23.66 32.23 -12.59
C LYS D 8 -24.37 33.56 -12.34
#